data_9KXR
#
_entry.id   9KXR
#
_cell.length_a   62.078
_cell.length_b   91.036
_cell.length_c   75.106
_cell.angle_alpha   90.000
_cell.angle_beta   109.312
_cell.angle_gamma   90.000
#
_symmetry.space_group_name_H-M   'P 1 21 1'
#
loop_
_entity.id
_entity.type
_entity.pdbx_description
1 polymer 'Tryptophan--tRNA ligase'
2 non-polymer '(5~{S},6~{R})-5-methyl-7-thia-2-azatricyclo[6.3.1.0^{4,12}]dodeca-1(12),3,8,10-tetraene-6-carboxylic acid'
3 non-polymer 'SULFATE ION'
4 non-polymer "TRYPTOPHANYL-5'AMP"
5 water water
#
_entity_poly.entity_id   1
_entity_poly.type   'polypeptide(L)'
_entity_poly.pdbx_seq_one_letter_code
;MTKPIVFSGAQPSGELTIGNYMGALRQWVNMQDDYHCIYCIVDQHAITVRQDAQKLRKATLDTLALYLACGIDPEKSTIF
VQSHVPEHAQLGWALNCYTYFGELSRMTQFKDKSARYAENINAGLFDYPVLMAADILLYQTNLVPVGEDQKQHLELSRDI
AQRFNALYGEIFKVPEPFIPKSGARVMSLLEPTKKMSKSDDNRNNVIGLLEDPKSVVKKIKRAVTDSDEPPVVRYDVQNK
AGVSNLLDILSAVTGQSIPELEKQFEGKMYGHLKGEVADAVSGMLTELQERYHRFRNDEAFLQQVMKDGAEKASAHASRT
LKAVYEAIGFVAKPHHHHHH
;
_entity_poly.pdbx_strand_id   A,B
#
loop_
_chem_comp.id
_chem_comp.type
_chem_comp.name
_chem_comp.formula
9E0 non-polymer '(5~{S},6~{R})-5-methyl-7-thia-2-azatricyclo[6.3.1.0^{4,12}]dodeca-1(12),3,8,10-tetraene-6-carboxylic acid' 'C12 H11 N O2 S'
SO4 non-polymer 'SULFATE ION' 'O4 S -2'
TYM non-polymer TRYPTOPHANYL-5'AMP 'C21 H24 N7 O8 P'
#
# COMPACT_ATOMS: atom_id res chain seq x y z
N LYS A 3 -30.03 7.37 -3.44
CA LYS A 3 -29.22 8.53 -3.82
C LYS A 3 -27.78 8.14 -4.07
N PRO A 4 -27.33 8.25 -5.32
CA PRO A 4 -26.04 7.67 -5.71
C PRO A 4 -24.85 8.31 -5.00
N ILE A 5 -23.83 7.49 -4.77
CA ILE A 5 -22.59 7.95 -4.15
C ILE A 5 -21.61 8.31 -5.25
N VAL A 6 -21.02 9.48 -5.13
CA VAL A 6 -20.04 9.96 -6.09
C VAL A 6 -18.76 10.24 -5.31
N PHE A 7 -17.61 9.86 -5.88
CA PHE A 7 -16.30 9.96 -5.26
C PHE A 7 -15.36 10.70 -6.21
N SER A 8 -14.65 11.70 -5.69
CA SER A 8 -13.64 12.40 -6.46
C SER A 8 -12.40 12.59 -5.60
N GLY A 9 -11.24 12.33 -6.17
CA GLY A 9 -9.97 12.67 -5.52
C GLY A 9 -9.48 14.03 -5.97
N ALA A 10 -9.05 14.84 -5.00
CA ALA A 10 -8.45 16.14 -5.28
C ALA A 10 -6.96 16.05 -4.93
N GLN A 11 -6.10 16.23 -5.94
CA GLN A 11 -4.66 16.21 -5.74
C GLN A 11 -4.26 17.46 -4.98
N PRO A 12 -3.56 17.35 -3.87
CA PRO A 12 -3.25 18.55 -3.09
C PRO A 12 -2.03 19.23 -3.65
N SER A 13 -1.93 19.24 -4.95
CA SER A 13 -0.87 19.92 -5.68
C SER A 13 -1.39 20.47 -7.00
N GLY A 14 -2.69 20.36 -7.28
CA GLY A 14 -3.25 20.88 -8.50
C GLY A 14 -3.42 22.37 -8.41
N GLU A 15 -2.73 23.12 -9.26
CA GLU A 15 -2.99 24.54 -9.40
C GLU A 15 -4.21 24.71 -10.30
N LEU A 16 -5.39 24.77 -9.67
CA LEU A 16 -6.66 24.75 -10.38
C LEU A 16 -6.90 26.03 -11.18
N THR A 17 -7.42 25.88 -12.39
CA THR A 17 -7.67 26.96 -13.33
C THR A 17 -9.16 27.30 -13.38
N ILE A 18 -9.49 28.37 -14.13
CA ILE A 18 -10.89 28.73 -14.34
C ILE A 18 -11.60 27.65 -15.16
N GLY A 19 -10.87 26.95 -16.03
CA GLY A 19 -11.46 25.82 -16.74
C GLY A 19 -11.97 24.73 -15.81
N ASN A 20 -11.18 24.39 -14.78
CA ASN A 20 -11.66 23.46 -13.77
C ASN A 20 -12.88 24.01 -13.06
N TYR A 21 -12.89 25.32 -12.81
CA TYR A 21 -13.86 25.87 -11.91
C TYR A 21 -15.20 26.08 -12.60
N MET A 22 -15.16 26.55 -13.86
CA MET A 22 -16.38 26.77 -14.62
C MET A 22 -16.87 25.50 -15.29
N GLY A 23 -16.02 24.49 -15.40
CA GLY A 23 -16.45 23.20 -15.89
C GLY A 23 -16.86 22.34 -14.72
N ALA A 24 -15.98 21.40 -14.35
CA ALA A 24 -16.35 20.33 -13.43
C ALA A 24 -16.84 20.84 -12.07
N LEU A 25 -16.12 21.79 -11.48
CA LEU A 25 -16.43 22.18 -10.11
C LEU A 25 -17.80 22.85 -10.01
N ARG A 26 -18.05 23.85 -10.84
CA ARG A 26 -19.38 24.50 -10.87
C ARG A 26 -20.47 23.43 -11.05
N GLN A 27 -20.26 22.50 -11.98
CA GLN A 27 -21.24 21.43 -12.20
C GLN A 27 -21.54 20.68 -10.91
N TRP A 28 -20.51 20.25 -10.19
CA TRP A 28 -20.75 19.42 -9.01
C TRP A 28 -21.21 20.22 -7.80
N VAL A 29 -20.74 21.46 -7.65
CA VAL A 29 -21.23 22.29 -6.55
C VAL A 29 -22.75 22.43 -6.63
N ASN A 30 -23.30 22.42 -7.83
CA ASN A 30 -24.73 22.59 -8.00
C ASN A 30 -25.52 21.30 -7.83
N MET A 31 -24.85 20.18 -7.59
CA MET A 31 -25.53 18.88 -7.52
C MET A 31 -25.29 18.16 -6.20
N GLN A 32 -24.85 18.88 -5.17
CA GLN A 32 -24.56 18.24 -3.90
C GLN A 32 -25.83 17.72 -3.22
N ASP A 33 -26.99 18.22 -3.57
CA ASP A 33 -28.22 17.64 -3.03
C ASP A 33 -28.78 16.51 -3.88
N ASP A 34 -28.40 16.41 -5.17
CA ASP A 34 -28.87 15.28 -5.98
C ASP A 34 -28.07 14.01 -5.73
N TYR A 35 -26.81 14.14 -5.32
CA TYR A 35 -25.95 12.99 -5.07
C TYR A 35 -25.32 13.08 -3.69
N HIS A 36 -24.82 11.95 -3.20
CA HIS A 36 -24.03 11.90 -1.98
C HIS A 36 -22.59 11.98 -2.45
N CYS A 37 -22.04 13.19 -2.46
CA CYS A 37 -20.72 13.47 -3.00
C CYS A 37 -19.65 13.35 -1.92
N ILE A 38 -18.50 12.84 -2.33
CA ILE A 38 -17.36 12.60 -1.47
C ILE A 38 -16.14 13.18 -2.14
N TYR A 39 -15.40 14.01 -1.41
CA TYR A 39 -14.19 14.65 -1.90
C TYR A 39 -13.02 14.24 -1.01
N CYS A 40 -11.99 13.67 -1.60
CA CYS A 40 -10.87 13.12 -0.88
C CYS A 40 -9.60 13.78 -1.37
N ILE A 41 -8.92 14.52 -0.49
CA ILE A 41 -7.64 15.12 -0.84
C ILE A 41 -6.57 14.04 -0.70
N VAL A 42 -5.96 13.67 -1.83
CA VAL A 42 -5.17 12.42 -1.89
C VAL A 42 -3.72 12.78 -1.60
N ASP A 43 -3.42 12.92 -0.31
CA ASP A 43 -2.01 13.19 0.10
C ASP A 43 -1.16 11.90 -0.05
N GLN A 44 -1.76 10.74 0.17
CA GLN A 44 -0.99 9.51 0.00
C GLN A 44 -0.59 9.26 -1.45
N HIS A 45 -1.40 9.74 -2.39
CA HIS A 45 -1.06 9.71 -3.81
C HIS A 45 0.04 10.71 -4.14
N ALA A 46 0.03 11.88 -3.49
CA ALA A 46 0.98 12.93 -3.81
C ALA A 46 2.43 12.46 -3.64
N ILE A 47 2.70 11.70 -2.59
CA ILE A 47 4.09 11.42 -2.20
C ILE A 47 4.73 10.44 -3.19
N THR A 48 3.97 9.95 -4.17
CA THR A 48 4.63 9.19 -5.24
C THR A 48 5.54 10.06 -6.10
N VAL A 49 5.48 11.38 -5.96
CA VAL A 49 6.44 12.30 -6.57
C VAL A 49 7.10 13.05 -5.43
N ARG A 50 8.42 12.94 -5.33
CA ARG A 50 9.13 13.54 -4.20
C ARG A 50 8.99 15.05 -4.22
N GLN A 51 8.76 15.64 -3.04
CA GLN A 51 8.51 17.06 -2.93
C GLN A 51 8.72 17.51 -1.50
N ASP A 52 8.67 18.81 -1.29
CA ASP A 52 9.03 19.38 0.00
C ASP A 52 7.92 19.10 1.01
N ALA A 53 8.32 18.62 2.19
CA ALA A 53 7.34 18.23 3.20
C ALA A 53 6.49 19.41 3.63
N GLN A 54 7.12 20.57 3.85
CA GLN A 54 6.34 21.73 4.27
C GLN A 54 5.38 22.18 3.16
N LYS A 55 5.84 22.18 1.91
CA LYS A 55 4.96 22.55 0.80
C LYS A 55 3.76 21.61 0.70
N LEU A 56 4.00 20.30 0.83
CA LEU A 56 2.91 19.34 0.79
C LEU A 56 1.90 19.59 1.91
N ARG A 57 2.39 19.92 3.11
CA ARG A 57 1.45 20.23 4.19
C ARG A 57 0.63 21.46 3.84
N LYS A 58 1.30 22.53 3.39
CA LYS A 58 0.57 23.75 3.09
C LYS A 58 -0.44 23.52 1.97
N ALA A 59 -0.04 22.84 0.90
CA ALA A 59 -0.91 22.66 -0.26
C ALA A 59 -2.12 21.79 0.07
N THR A 60 -1.97 20.84 1.00
CA THR A 60 -3.13 20.07 1.42
C THR A 60 -4.18 20.99 2.02
N LEU A 61 -3.76 21.94 2.85
CA LEU A 61 -4.70 22.92 3.41
C LEU A 61 -5.20 23.93 2.37
N ASP A 62 -4.34 24.33 1.43
CA ASP A 62 -4.79 25.22 0.38
C ASP A 62 -5.92 24.57 -0.43
N THR A 63 -5.72 23.32 -0.84
CA THR A 63 -6.73 22.60 -1.60
C THR A 63 -8.05 22.53 -0.85
N LEU A 64 -8.00 22.23 0.44
CA LEU A 64 -9.22 22.12 1.23
C LEU A 64 -9.95 23.46 1.28
N ALA A 65 -9.22 24.54 1.56
CA ALA A 65 -9.83 25.86 1.60
C ALA A 65 -10.32 26.28 0.20
N LEU A 66 -9.60 25.91 -0.86
CA LEU A 66 -10.02 26.25 -2.22
C LEU A 66 -11.31 25.54 -2.59
N TYR A 67 -11.44 24.26 -2.23
CA TYR A 67 -12.68 23.55 -2.52
C TYR A 67 -13.85 24.14 -1.74
N LEU A 68 -13.63 24.47 -0.47
CA LEU A 68 -14.68 25.13 0.31
C LEU A 68 -15.05 26.48 -0.31
N ALA A 69 -14.04 27.20 -0.80
CA ALA A 69 -14.30 28.47 -1.46
C ALA A 69 -15.17 28.30 -2.71
N CYS A 70 -14.95 27.22 -3.46
CA CYS A 70 -15.70 27.00 -4.70
C CYS A 70 -17.15 26.60 -4.46
N GLY A 71 -17.54 26.34 -3.22
CA GLY A 71 -18.91 25.95 -2.92
C GLY A 71 -19.09 24.55 -2.37
N ILE A 72 -18.02 23.77 -2.17
CA ILE A 72 -18.17 22.46 -1.56
C ILE A 72 -18.65 22.67 -0.12
N ASP A 73 -19.84 22.16 0.17
CA ASP A 73 -20.45 22.36 1.52
C ASP A 73 -20.18 21.13 2.38
N PRO A 74 -19.40 21.26 3.47
CA PRO A 74 -19.08 20.10 4.32
C PRO A 74 -20.27 19.55 5.09
N GLU A 75 -21.38 20.27 5.16
CA GLU A 75 -22.59 19.67 5.71
C GLU A 75 -23.27 18.74 4.70
N LYS A 76 -23.26 19.11 3.42
CA LYS A 76 -23.95 18.34 2.39
C LYS A 76 -23.11 17.17 1.90
N SER A 77 -21.84 17.45 1.59
CA SER A 77 -20.90 16.47 1.06
C SER A 77 -19.90 16.10 2.14
N THR A 78 -19.13 15.06 1.85
CA THR A 78 -18.05 14.62 2.72
C THR A 78 -16.73 15.03 2.08
N ILE A 79 -15.96 15.85 2.78
CA ILE A 79 -14.62 16.22 2.31
C ILE A 79 -13.61 15.89 3.41
N PHE A 80 -12.53 15.23 3.02
CA PHE A 80 -11.58 14.76 4.02
C PHE A 80 -10.21 14.60 3.38
N VAL A 81 -9.21 14.34 4.24
CA VAL A 81 -7.85 14.08 3.81
C VAL A 81 -7.61 12.58 3.85
N GLN A 82 -7.11 12.03 2.73
CA GLN A 82 -6.98 10.59 2.55
C GLN A 82 -6.23 9.93 3.72
N SER A 83 -5.06 10.48 4.08
CA SER A 83 -4.26 9.82 5.12
C SER A 83 -4.92 9.80 6.50
N HIS A 84 -6.03 10.55 6.70
CA HIS A 84 -6.74 10.55 7.96
C HIS A 84 -7.67 9.34 8.12
N VAL A 85 -7.78 8.51 7.10
CA VAL A 85 -8.65 7.34 7.12
C VAL A 85 -7.77 6.14 6.79
N PRO A 86 -7.29 5.39 7.79
CA PRO A 86 -6.35 4.28 7.51
C PRO A 86 -6.91 3.26 6.54
N GLU A 87 -8.24 3.15 6.44
CA GLU A 87 -8.84 2.12 5.61
C GLU A 87 -8.39 2.21 4.15
N HIS A 88 -7.95 3.39 3.67
CA HIS A 88 -7.48 3.48 2.29
C HIS A 88 -6.23 2.64 2.07
N ALA A 89 -5.24 2.77 2.96
CA ALA A 89 -4.03 1.97 2.82
C ALA A 89 -4.33 0.49 3.06
N GLN A 90 -5.23 0.17 4.00
CA GLN A 90 -5.53 -1.23 4.30
C GLN A 90 -6.18 -1.92 3.11
N LEU A 91 -7.33 -1.40 2.65
CA LEU A 91 -7.92 -1.97 1.43
C LEU A 91 -6.95 -1.88 0.27
N GLY A 92 -6.13 -0.82 0.23
CA GLY A 92 -5.14 -0.71 -0.83
C GLY A 92 -4.19 -1.89 -0.86
N TRP A 93 -3.69 -2.31 0.31
CA TRP A 93 -2.82 -3.48 0.32
C TRP A 93 -3.58 -4.74 -0.06
N ALA A 94 -4.78 -4.94 0.51
CA ALA A 94 -5.53 -6.15 0.22
C ALA A 94 -5.88 -6.26 -1.26
N LEU A 95 -6.28 -5.14 -1.90
CA LEU A 95 -6.56 -5.15 -3.33
C LEU A 95 -5.31 -5.42 -4.16
N ASN A 96 -4.11 -5.15 -3.64
CA ASN A 96 -2.90 -5.56 -4.34
C ASN A 96 -2.90 -7.06 -4.59
N CYS A 97 -3.46 -7.83 -3.66
CA CYS A 97 -3.41 -9.28 -3.79
C CYS A 97 -4.38 -9.81 -4.82
N TYR A 98 -5.16 -8.93 -5.47
CA TYR A 98 -6.14 -9.33 -6.47
C TYR A 98 -5.95 -8.57 -7.77
N THR A 99 -4.81 -7.91 -7.93
CA THR A 99 -4.46 -7.14 -9.11
C THR A 99 -3.25 -7.80 -9.75
N TYR A 100 -3.38 -8.19 -11.02
CA TYR A 100 -2.26 -8.80 -11.74
C TYR A 100 -1.12 -7.82 -11.93
N PHE A 101 0.10 -8.30 -11.73
CA PHE A 101 1.28 -7.48 -12.00
C PHE A 101 1.21 -6.86 -13.38
N GLY A 102 0.73 -7.62 -14.37
CA GLY A 102 0.67 -7.13 -15.74
C GLY A 102 -0.29 -5.97 -15.90
N GLU A 103 -1.45 -6.04 -15.24
CA GLU A 103 -2.42 -4.94 -15.28
C GLU A 103 -1.76 -3.61 -14.91
N LEU A 104 -0.85 -3.64 -13.92
CA LEU A 104 -0.19 -2.41 -13.49
C LEU A 104 0.89 -1.98 -14.44
N SER A 105 1.61 -2.93 -15.06
CA SER A 105 2.67 -2.53 -15.97
C SER A 105 2.12 -2.07 -17.32
N ARG A 106 0.93 -2.53 -17.71
CA ARG A 106 0.31 -2.07 -18.95
C ARG A 106 -0.41 -0.73 -18.80
N MET A 107 -0.16 0.00 -17.73
CA MET A 107 -0.83 1.28 -17.52
C MET A 107 -0.08 2.36 -18.26
N THR A 108 -0.81 3.09 -19.13
CA THR A 108 -0.23 4.21 -19.86
C THR A 108 0.21 5.31 -18.89
N GLN A 109 -0.60 5.58 -17.85
CA GLN A 109 -0.21 6.59 -16.87
C GLN A 109 1.07 6.22 -16.14
N PHE A 110 1.24 4.92 -15.84
CA PHE A 110 2.51 4.47 -15.28
C PHE A 110 3.65 4.63 -16.28
N LYS A 111 3.44 4.25 -17.55
CA LYS A 111 4.50 4.37 -18.54
C LYS A 111 4.81 5.82 -18.87
N ASP A 112 3.81 6.72 -18.80
CA ASP A 112 3.98 8.15 -19.04
C ASP A 112 4.62 8.86 -17.85
N LYS A 113 4.01 8.71 -16.66
CA LYS A 113 4.58 9.29 -15.44
C LYS A 113 5.91 8.65 -15.07
N SER A 114 6.22 7.48 -15.65
CA SER A 114 7.56 6.92 -15.54
C SER A 114 8.61 7.95 -15.91
N ALA A 115 8.57 8.42 -17.16
CA ALA A 115 9.38 9.54 -17.66
C ALA A 115 10.87 9.39 -17.32
N ARG A 116 11.29 8.15 -17.02
CA ARG A 116 12.66 7.80 -16.70
C ARG A 116 12.80 6.28 -16.87
N TYR A 117 13.95 5.73 -16.47
CA TYR A 117 14.20 4.31 -16.62
C TYR A 117 13.78 3.55 -15.37
N ALA A 118 13.17 2.38 -15.57
CA ALA A 118 12.83 1.51 -14.45
C ALA A 118 14.09 1.12 -13.66
N GLU A 119 13.93 0.96 -12.36
CA GLU A 119 14.97 0.93 -11.30
C GLU A 119 15.38 2.35 -10.91
N ASN A 120 14.68 3.38 -11.42
CA ASN A 120 14.74 4.73 -10.89
C ASN A 120 13.33 5.28 -10.66
N ILE A 121 12.31 4.43 -10.79
CA ILE A 121 10.89 4.77 -10.64
C ILE A 121 10.38 4.09 -9.38
N ASN A 122 9.78 4.86 -8.46
CA ASN A 122 9.45 4.25 -7.18
C ASN A 122 8.19 3.38 -7.27
N ALA A 123 8.05 2.50 -6.27
CA ALA A 123 6.91 1.58 -6.28
C ALA A 123 5.59 2.28 -6.03
N GLY A 124 5.61 3.47 -5.43
CA GLY A 124 4.38 4.23 -5.30
C GLY A 124 3.81 4.62 -6.66
N LEU A 125 4.68 4.98 -7.60
CA LEU A 125 4.24 5.29 -8.95
C LEU A 125 3.67 4.06 -9.64
N PHE A 126 4.24 2.89 -9.36
CA PHE A 126 3.74 1.67 -9.98
C PHE A 126 2.39 1.26 -9.40
N ASP A 127 2.24 1.34 -8.08
CA ASP A 127 1.09 0.75 -7.40
C ASP A 127 -0.09 1.72 -7.29
N TYR A 128 0.14 2.99 -7.62
CA TYR A 128 -0.85 4.08 -7.64
C TYR A 128 -2.25 3.67 -8.08
N PRO A 129 -2.43 2.90 -9.17
CA PRO A 129 -3.82 2.53 -9.55
C PRO A 129 -4.54 1.67 -8.51
N VAL A 130 -3.85 0.81 -7.76
CA VAL A 130 -4.57 -0.02 -6.81
C VAL A 130 -5.09 0.82 -5.66
N LEU A 131 -4.31 1.81 -5.22
CA LEU A 131 -4.81 2.70 -4.17
C LEU A 131 -6.03 3.49 -4.67
N MET A 132 -6.01 3.97 -5.91
CA MET A 132 -7.20 4.65 -6.47
C MET A 132 -8.40 3.72 -6.41
N ALA A 133 -8.21 2.48 -6.85
CA ALA A 133 -9.28 1.49 -6.75
C ALA A 133 -9.77 1.38 -5.31
N ALA A 134 -8.85 1.35 -4.35
CA ALA A 134 -9.26 1.27 -2.96
C ALA A 134 -10.03 2.52 -2.55
N ASP A 135 -9.57 3.69 -2.99
CA ASP A 135 -10.26 4.96 -2.63
C ASP A 135 -11.71 4.87 -3.08
N ILE A 136 -11.95 4.38 -4.29
CA ILE A 136 -13.31 4.31 -4.84
C ILE A 136 -14.14 3.26 -4.11
N LEU A 137 -13.61 2.05 -3.96
CA LEU A 137 -14.47 0.95 -3.55
C LEU A 137 -14.81 0.97 -2.07
N LEU A 138 -13.97 1.61 -1.24
CA LEU A 138 -14.28 1.69 0.18
C LEU A 138 -15.68 2.25 0.43
N TYR A 139 -16.13 3.19 -0.42
CA TYR A 139 -17.35 3.95 -0.17
C TYR A 139 -18.57 3.45 -0.95
N GLN A 140 -18.50 2.27 -1.57
CA GLN A 140 -19.61 1.70 -2.33
C GLN A 140 -20.03 2.67 -3.45
N THR A 141 -19.03 3.27 -4.08
CA THR A 141 -19.25 4.35 -5.04
C THR A 141 -20.04 3.90 -6.28
N ASN A 142 -21.07 4.66 -6.62
CA ASN A 142 -21.75 4.37 -7.87
C ASN A 142 -21.13 5.10 -9.04
N LEU A 143 -20.60 6.30 -8.83
CA LEU A 143 -20.24 7.15 -9.95
C LEU A 143 -18.92 7.84 -9.66
N VAL A 144 -18.07 7.90 -10.68
CA VAL A 144 -16.79 8.56 -10.58
C VAL A 144 -16.63 9.52 -11.76
N PRO A 145 -16.53 10.82 -11.56
CA PRO A 145 -16.13 11.73 -12.64
C PRO A 145 -14.64 11.63 -12.90
N VAL A 146 -14.27 11.31 -14.15
CA VAL A 146 -12.88 11.14 -14.54
C VAL A 146 -12.64 11.83 -15.86
N GLY A 147 -11.44 12.34 -16.04
CA GLY A 147 -11.06 12.86 -17.36
C GLY A 147 -10.49 11.72 -18.18
N GLU A 148 -10.04 11.99 -19.40
CA GLU A 148 -9.58 10.91 -20.31
C GLU A 148 -8.35 10.18 -19.73
N ASP A 149 -7.46 10.92 -19.07
CA ASP A 149 -6.21 10.34 -18.53
C ASP A 149 -6.51 9.40 -17.34
N GLN A 150 -7.72 9.44 -16.82
CA GLN A 150 -8.05 8.60 -15.65
C GLN A 150 -8.97 7.45 -16.08
N LYS A 151 -9.23 7.33 -17.38
CA LYS A 151 -10.17 6.32 -17.81
C LYS A 151 -9.63 4.91 -17.58
N GLN A 152 -8.34 4.71 -17.89
CA GLN A 152 -7.78 3.38 -17.70
C GLN A 152 -7.78 2.99 -16.22
N HIS A 153 -7.45 3.94 -15.34
CA HIS A 153 -7.51 3.67 -13.91
C HIS A 153 -8.91 3.23 -13.47
N LEU A 154 -9.96 3.94 -13.92
CA LEU A 154 -11.32 3.57 -13.53
C LEU A 154 -11.67 2.15 -13.99
N GLU A 155 -11.23 1.79 -15.20
CA GLU A 155 -11.56 0.45 -15.71
C GLU A 155 -10.91 -0.64 -14.87
N LEU A 156 -9.64 -0.45 -14.49
CA LEU A 156 -9.00 -1.35 -13.53
C LEU A 156 -9.80 -1.48 -12.25
N SER A 157 -10.27 -0.35 -11.69
CA SER A 157 -11.11 -0.38 -10.51
C SER A 157 -12.35 -1.25 -10.72
N ARG A 158 -12.98 -1.10 -11.89
CA ARG A 158 -14.17 -1.90 -12.18
C ARG A 158 -13.83 -3.38 -12.30
N ASP A 159 -12.65 -3.67 -12.84
CA ASP A 159 -12.20 -5.08 -13.00
C ASP A 159 -11.94 -5.69 -11.63
N ILE A 160 -11.24 -4.95 -10.77
CA ILE A 160 -10.95 -5.46 -9.43
C ILE A 160 -12.24 -5.72 -8.67
N ALA A 161 -13.18 -4.76 -8.70
CA ALA A 161 -14.44 -4.94 -8.00
C ALA A 161 -15.15 -6.21 -8.43
N GLN A 162 -15.24 -6.42 -9.75
CA GLN A 162 -15.92 -7.58 -10.29
C GLN A 162 -15.16 -8.86 -9.98
N ARG A 163 -13.84 -8.84 -10.12
CA ARG A 163 -13.06 -10.02 -9.80
C ARG A 163 -13.17 -10.38 -8.31
N PHE A 164 -13.17 -9.39 -7.44
CA PHE A 164 -13.34 -9.68 -6.02
C PHE A 164 -14.74 -10.21 -5.73
N ASN A 165 -15.76 -9.59 -6.33
CA ASN A 165 -17.13 -10.01 -6.10
C ASN A 165 -17.36 -11.45 -6.55
N ALA A 166 -16.77 -11.84 -7.68
CA ALA A 166 -16.96 -13.18 -8.24
C ALA A 166 -16.44 -14.28 -7.30
N LEU A 167 -15.40 -14.00 -6.50
CA LEU A 167 -14.94 -14.97 -5.50
C LEU A 167 -15.70 -14.87 -4.19
N TYR A 168 -16.17 -13.70 -3.78
CA TYR A 168 -16.61 -13.56 -2.40
C TYR A 168 -18.05 -13.12 -2.19
N GLY A 169 -18.76 -12.71 -3.24
CA GLY A 169 -20.08 -12.14 -3.07
C GLY A 169 -20.07 -10.65 -3.33
N GLU A 170 -21.26 -10.05 -3.28
CA GLU A 170 -21.42 -8.65 -3.64
C GLU A 170 -20.91 -7.79 -2.49
N ILE A 171 -19.58 -7.70 -2.39
CA ILE A 171 -18.96 -6.85 -1.37
C ILE A 171 -18.79 -5.43 -1.87
N PHE A 172 -18.40 -5.29 -3.14
CA PHE A 172 -18.17 -4.02 -3.80
C PHE A 172 -19.29 -3.69 -4.78
N LYS A 173 -19.51 -2.39 -4.94
CA LYS A 173 -20.40 -1.93 -6.02
C LYS A 173 -19.43 -1.69 -7.18
N VAL A 174 -19.83 -2.07 -8.40
CA VAL A 174 -18.99 -1.75 -9.54
C VAL A 174 -19.25 -0.29 -9.89
N PRO A 175 -18.26 0.59 -9.76
CA PRO A 175 -18.49 2.00 -10.09
C PRO A 175 -18.64 2.20 -11.59
N GLU A 176 -19.35 3.27 -11.96
CA GLU A 176 -19.51 3.69 -13.34
C GLU A 176 -18.84 5.04 -13.56
N PRO A 177 -18.39 5.34 -14.78
CA PRO A 177 -18.02 6.72 -15.10
C PRO A 177 -19.25 7.61 -15.05
N PHE A 178 -19.03 8.88 -14.75
CA PHE A 178 -20.06 9.89 -14.85
C PHE A 178 -19.97 10.52 -16.23
N ILE A 179 -20.94 10.25 -17.10
CA ILE A 179 -20.79 10.52 -18.53
C ILE A 179 -20.97 12.01 -18.86
N PRO A 180 -22.03 12.69 -18.43
CA PRO A 180 -22.31 14.02 -19.00
C PRO A 180 -21.26 15.06 -18.61
N LYS A 181 -20.88 15.88 -19.60
CA LYS A 181 -19.88 16.94 -19.47
C LYS A 181 -20.50 18.27 -19.07
N SER A 182 -19.66 19.14 -18.49
CA SER A 182 -20.14 20.36 -17.84
C SER A 182 -20.85 21.30 -18.82
N GLY A 183 -20.33 21.44 -20.03
CA GLY A 183 -20.87 22.40 -20.96
C GLY A 183 -19.99 23.61 -21.20
N ALA A 184 -19.37 24.14 -20.16
CA ALA A 184 -18.48 25.29 -20.31
C ALA A 184 -17.22 24.90 -21.08
N ARG A 185 -16.84 25.73 -22.04
CA ARG A 185 -15.67 25.49 -22.88
C ARG A 185 -14.61 26.54 -22.57
N VAL A 186 -13.45 26.08 -22.09
CA VAL A 186 -12.34 26.94 -21.72
C VAL A 186 -11.07 26.37 -22.35
N MET A 187 -10.53 27.09 -23.33
CA MET A 187 -9.36 26.67 -24.11
C MET A 187 -8.10 27.41 -23.65
N SER A 188 -6.95 26.85 -24.02
CA SER A 188 -5.67 27.44 -23.62
C SER A 188 -5.47 28.79 -24.30
N LEU A 189 -4.84 29.72 -23.58
CA LEU A 189 -4.82 31.11 -23.99
C LEU A 189 -3.91 31.35 -25.19
N LEU A 190 -2.82 30.57 -25.33
CA LEU A 190 -1.93 30.66 -26.48
C LEU A 190 -2.09 29.50 -27.45
N GLU A 191 -2.80 28.44 -27.07
CA GLU A 191 -3.02 27.26 -27.90
C GLU A 191 -4.52 26.97 -27.98
N PRO A 192 -5.30 27.86 -28.62
CA PRO A 192 -6.77 27.81 -28.46
C PRO A 192 -7.46 26.61 -29.10
N THR A 193 -6.70 25.63 -29.58
CA THR A 193 -7.30 24.40 -30.08
C THR A 193 -7.40 23.32 -29.00
N LYS A 194 -6.52 23.32 -28.01
CA LYS A 194 -6.54 22.34 -26.93
C LYS A 194 -7.08 22.96 -25.65
N LYS A 195 -7.68 22.12 -24.80
CA LYS A 195 -8.36 22.61 -23.61
C LYS A 195 -7.36 23.10 -22.55
N MET A 196 -7.77 24.13 -21.81
CA MET A 196 -6.96 24.62 -20.71
C MET A 196 -6.93 23.58 -19.59
N SER A 197 -5.73 23.19 -19.17
CA SER A 197 -5.53 22.09 -18.23
C SER A 197 -4.76 22.57 -17.00
N LYS A 198 -5.11 22.02 -15.84
CA LYS A 198 -4.39 22.39 -14.62
C LYS A 198 -2.94 21.93 -14.63
N SER A 199 -2.57 21.04 -15.56
CA SER A 199 -1.26 20.40 -15.54
C SER A 199 -0.37 20.83 -16.70
N ASP A 200 -0.65 21.97 -17.32
CA ASP A 200 0.20 22.48 -18.39
C ASP A 200 1.46 23.09 -17.80
N ASP A 201 2.62 22.74 -18.36
CA ASP A 201 3.86 23.30 -17.86
C ASP A 201 4.07 24.73 -18.35
N ASN A 202 3.32 25.15 -19.37
CA ASN A 202 3.26 26.53 -19.88
C ASN A 202 2.16 27.27 -19.12
N ARG A 203 2.52 27.95 -18.04
CA ARG A 203 1.50 28.58 -17.21
C ARG A 203 0.85 29.79 -17.88
N ASN A 204 1.38 30.24 -19.00
CA ASN A 204 0.71 31.33 -19.71
C ASN A 204 -0.47 30.85 -20.54
N ASN A 205 -0.69 29.54 -20.64
CA ASN A 205 -1.90 29.01 -21.25
C ASN A 205 -3.09 29.05 -20.30
N VAL A 206 -2.86 29.25 -19.00
CA VAL A 206 -3.91 29.08 -18.01
C VAL A 206 -4.11 30.38 -17.23
N ILE A 207 -5.27 30.47 -16.57
CA ILE A 207 -5.53 31.47 -15.54
C ILE A 207 -5.90 30.70 -14.27
N GLY A 208 -5.05 30.80 -13.24
CA GLY A 208 -5.30 30.07 -12.02
C GLY A 208 -6.26 30.78 -11.08
N LEU A 209 -6.82 30.03 -10.14
CA LEU A 209 -7.93 30.56 -9.36
C LEU A 209 -7.52 31.63 -8.37
N LEU A 210 -6.22 31.82 -8.12
CA LEU A 210 -5.76 32.77 -7.12
C LEU A 210 -4.98 33.94 -7.73
N GLU A 211 -4.92 34.03 -9.07
CA GLU A 211 -4.18 35.08 -9.76
C GLU A 211 -4.86 36.44 -9.62
N ASP A 212 -4.05 37.48 -9.40
CA ASP A 212 -4.57 38.81 -9.21
C ASP A 212 -4.97 39.45 -10.55
N PRO A 213 -5.82 40.48 -10.51
CA PRO A 213 -6.30 41.07 -11.78
C PRO A 213 -5.19 41.61 -12.65
N LYS A 214 -4.11 42.12 -12.05
CA LYS A 214 -2.98 42.59 -12.87
C LYS A 214 -2.36 41.44 -13.63
N SER A 215 -2.29 40.26 -13.01
CA SER A 215 -1.76 39.10 -13.71
C SER A 215 -2.77 38.52 -14.70
N VAL A 216 -4.07 38.62 -14.41
CA VAL A 216 -5.06 38.13 -15.35
C VAL A 216 -4.98 38.93 -16.64
N VAL A 217 -4.82 40.24 -16.53
CA VAL A 217 -4.75 41.10 -17.71
C VAL A 217 -3.56 40.72 -18.57
N LYS A 218 -2.41 40.45 -17.93
CA LYS A 218 -1.21 40.12 -18.70
C LYS A 218 -1.44 38.89 -19.57
N LYS A 219 -2.07 37.86 -19.03
CA LYS A 219 -2.29 36.66 -19.82
C LYS A 219 -3.43 36.82 -20.83
N ILE A 220 -4.48 37.55 -20.48
CA ILE A 220 -5.58 37.73 -21.42
C ILE A 220 -5.11 38.57 -22.61
N LYS A 221 -4.35 39.65 -22.35
CA LYS A 221 -3.92 40.53 -23.42
C LYS A 221 -2.98 39.84 -24.40
N ARG A 222 -2.25 38.83 -23.94
CA ARG A 222 -1.36 38.08 -24.79
C ARG A 222 -2.05 36.89 -25.46
N ALA A 223 -3.39 36.86 -25.44
CA ALA A 223 -4.11 35.69 -25.91
C ALA A 223 -4.12 35.64 -27.45
N VAL A 224 -3.88 34.43 -27.98
CA VAL A 224 -3.80 34.25 -29.42
C VAL A 224 -5.11 34.63 -30.09
N THR A 225 -5.01 35.36 -31.18
CA THR A 225 -6.18 35.70 -32.00
C THR A 225 -5.87 35.44 -33.47
N ASP A 226 -6.70 35.94 -34.36
CA ASP A 226 -6.63 35.62 -35.78
C ASP A 226 -6.28 36.85 -36.61
N SER A 227 -5.60 36.60 -37.73
CA SER A 227 -5.32 37.65 -38.71
C SER A 227 -6.49 37.70 -39.69
N ASP A 228 -7.56 38.38 -39.26
CA ASP A 228 -8.74 38.62 -40.08
C ASP A 228 -8.86 40.12 -40.30
N GLU A 229 -8.92 40.54 -41.56
CA GLU A 229 -9.11 41.93 -41.92
C GLU A 229 -10.50 42.11 -42.50
N PRO A 230 -11.34 43.00 -41.94
CA PRO A 230 -11.13 43.79 -40.72
C PRO A 230 -11.32 42.95 -39.45
N PRO A 231 -10.99 43.44 -38.24
CA PRO A 231 -11.27 42.67 -37.02
C PRO A 231 -12.77 42.54 -36.77
N VAL A 232 -13.25 41.30 -36.70
CA VAL A 232 -14.67 41.01 -36.48
C VAL A 232 -14.80 40.05 -35.30
N VAL A 233 -15.65 40.41 -34.34
CA VAL A 233 -15.88 39.60 -33.14
C VAL A 233 -17.05 38.67 -33.46
N ARG A 234 -16.74 37.48 -33.98
CA ARG A 234 -17.76 36.52 -34.39
C ARG A 234 -17.32 35.11 -34.01
N TYR A 235 -18.27 34.29 -33.56
CA TYR A 235 -17.96 32.95 -33.12
C TYR A 235 -17.79 32.02 -34.32
N ASP A 236 -16.61 31.42 -34.44
CA ASP A 236 -16.39 30.37 -35.43
C ASP A 236 -15.13 29.61 -35.02
N VAL A 237 -15.30 28.36 -34.60
CA VAL A 237 -14.20 27.65 -33.98
C VAL A 237 -13.10 27.27 -34.98
N GLN A 238 -13.40 27.22 -36.28
CA GLN A 238 -12.36 26.77 -37.21
C GLN A 238 -11.40 27.90 -37.59
N ASN A 239 -11.97 29.08 -37.84
CA ASN A 239 -11.12 30.22 -38.30
C ASN A 239 -11.05 31.32 -37.23
N LYS A 240 -12.02 31.37 -36.32
CA LYS A 240 -11.92 32.38 -35.22
C LYS A 240 -11.75 31.66 -33.86
N ALA A 241 -11.08 30.50 -33.84
CA ALA A 241 -10.87 29.72 -32.60
C ALA A 241 -10.41 30.58 -31.43
N GLY A 242 -9.57 31.58 -31.70
CA GLY A 242 -9.05 32.43 -30.61
C GLY A 242 -10.13 33.34 -30.04
N VAL A 243 -10.80 34.11 -30.89
CA VAL A 243 -11.91 34.98 -30.42
C VAL A 243 -13.02 34.05 -29.94
N SER A 244 -13.12 32.89 -30.55
CA SER A 244 -14.13 31.89 -30.12
C SER A 244 -13.83 31.46 -28.69
N ASN A 245 -12.56 31.26 -28.32
CA ASN A 245 -12.27 30.95 -26.93
C ASN A 245 -12.70 32.10 -26.03
N LEU A 246 -12.34 33.32 -26.40
CA LEU A 246 -12.62 34.46 -25.53
C LEU A 246 -14.12 34.67 -25.35
N LEU A 247 -14.89 34.47 -26.43
CA LEU A 247 -16.34 34.52 -26.30
C LEU A 247 -16.85 33.38 -25.41
N ASP A 248 -16.28 32.19 -25.57
CA ASP A 248 -16.70 31.08 -24.72
C ASP A 248 -16.37 31.36 -23.25
N ILE A 249 -15.16 31.85 -22.97
CA ILE A 249 -14.80 32.13 -21.59
C ILE A 249 -15.70 33.22 -21.02
N LEU A 250 -15.89 34.28 -21.80
CA LEU A 250 -16.75 35.37 -21.35
C LEU A 250 -18.14 34.86 -21.02
N SER A 251 -18.71 34.09 -21.95
CA SER A 251 -20.08 33.60 -21.77
C SER A 251 -20.18 32.67 -20.58
N ALA A 252 -19.19 31.79 -20.42
CA ALA A 252 -19.08 30.97 -19.21
C ALA A 252 -19.15 31.84 -17.96
N VAL A 253 -18.44 32.97 -17.97
CA VAL A 253 -18.42 33.85 -16.80
C VAL A 253 -19.77 34.54 -16.60
N THR A 254 -20.32 35.13 -17.66
CA THR A 254 -21.44 36.05 -17.50
C THR A 254 -22.81 35.39 -17.68
N GLY A 255 -22.92 34.33 -18.46
CA GLY A 255 -24.20 33.78 -18.81
C GLY A 255 -24.78 34.27 -20.13
N GLN A 256 -24.21 35.32 -20.71
CA GLN A 256 -24.72 35.86 -21.97
C GLN A 256 -24.54 34.85 -23.11
N SER A 257 -25.54 34.77 -23.98
CA SER A 257 -25.45 33.84 -25.10
C SER A 257 -24.41 34.33 -26.11
N ILE A 258 -23.89 33.39 -26.91
CA ILE A 258 -22.94 33.76 -27.96
C ILE A 258 -23.59 34.69 -28.98
N PRO A 259 -24.83 34.46 -29.45
CA PRO A 259 -25.48 35.50 -30.28
C PRO A 259 -25.62 36.84 -29.57
N GLU A 260 -25.87 36.85 -28.25
CA GLU A 260 -25.97 38.12 -27.54
C GLU A 260 -24.61 38.79 -27.42
N LEU A 261 -23.55 38.01 -27.21
CA LEU A 261 -22.20 38.56 -27.16
C LEU A 261 -21.77 39.12 -28.50
N GLU A 262 -22.06 38.40 -29.59
CA GLU A 262 -21.70 38.86 -30.93
C GLU A 262 -22.29 40.23 -31.22
N LYS A 263 -23.57 40.42 -30.87
CA LYS A 263 -24.20 41.71 -31.10
C LYS A 263 -23.71 42.75 -30.11
N GLN A 264 -23.29 42.33 -28.91
CA GLN A 264 -22.70 43.27 -27.96
C GLN A 264 -21.39 43.84 -28.50
N PHE A 265 -20.62 43.05 -29.24
CA PHE A 265 -19.32 43.47 -29.74
C PHE A 265 -19.36 43.76 -31.24
N GLU A 266 -20.55 44.10 -31.75
CA GLU A 266 -20.68 44.62 -33.10
C GLU A 266 -20.01 45.99 -33.16
N GLY A 267 -19.04 46.13 -34.06
CA GLY A 267 -18.27 47.35 -34.19
C GLY A 267 -17.19 47.54 -33.14
N LYS A 268 -16.87 46.51 -32.37
CA LYS A 268 -15.79 46.56 -31.39
C LYS A 268 -14.59 45.76 -31.91
N MET A 269 -13.42 46.10 -31.39
CA MET A 269 -12.17 45.46 -31.79
C MET A 269 -11.67 44.54 -30.69
N TYR A 270 -10.60 43.81 -31.02
CA TYR A 270 -10.10 42.77 -30.13
C TYR A 270 -9.63 43.30 -28.78
N GLY A 271 -9.31 44.59 -28.71
CA GLY A 271 -8.92 45.17 -27.43
C GLY A 271 -10.07 45.21 -26.44
N HIS A 272 -11.27 45.55 -26.92
CA HIS A 272 -12.42 45.59 -26.02
C HIS A 272 -12.85 44.21 -25.59
N LEU A 273 -12.69 43.21 -26.47
CA LEU A 273 -13.07 41.84 -26.11
C LEU A 273 -12.17 41.29 -25.02
N LYS A 274 -10.85 41.49 -25.14
CA LYS A 274 -9.93 41.03 -24.12
C LYS A 274 -10.09 41.80 -22.81
N GLY A 275 -10.30 43.11 -22.89
CA GLY A 275 -10.54 43.88 -21.68
C GLY A 275 -11.83 43.48 -20.99
N GLU A 276 -12.85 43.10 -21.77
CA GLU A 276 -14.09 42.65 -21.16
C GLU A 276 -13.95 41.23 -20.61
N VAL A 277 -13.18 40.37 -21.29
CA VAL A 277 -12.92 39.03 -20.79
C VAL A 277 -12.13 39.09 -19.48
N ALA A 278 -11.04 39.86 -19.46
CA ALA A 278 -10.24 39.97 -18.24
C ALA A 278 -11.04 40.58 -17.09
N ASP A 279 -11.82 41.63 -17.37
CA ASP A 279 -12.64 42.25 -16.33
C ASP A 279 -13.63 41.25 -15.75
N ALA A 280 -14.31 40.47 -16.62
CA ALA A 280 -15.28 39.50 -16.13
C ALA A 280 -14.62 38.36 -15.37
N VAL A 281 -13.47 37.87 -15.87
CA VAL A 281 -12.77 36.78 -15.20
C VAL A 281 -12.27 37.24 -13.84
N SER A 282 -11.64 38.42 -13.79
CA SER A 282 -11.14 38.92 -12.51
C SER A 282 -12.27 39.21 -11.53
N GLY A 283 -13.45 39.62 -12.01
CA GLY A 283 -14.55 39.87 -11.10
C GLY A 283 -15.01 38.61 -10.42
N MET A 284 -15.18 37.53 -11.19
CA MET A 284 -15.47 36.23 -10.63
C MET A 284 -14.37 35.76 -9.68
N LEU A 285 -13.10 35.94 -10.06
CA LEU A 285 -11.99 35.48 -9.22
C LEU A 285 -11.84 36.30 -7.94
N THR A 286 -12.36 37.53 -7.91
CA THR A 286 -12.27 38.33 -6.69
C THR A 286 -13.21 37.80 -5.61
N GLU A 287 -14.44 37.44 -5.98
CA GLU A 287 -15.33 36.83 -5.01
C GLU A 287 -14.80 35.47 -4.58
N LEU A 288 -14.23 34.72 -5.51
CA LEU A 288 -13.70 33.41 -5.16
C LEU A 288 -12.55 33.54 -4.17
N GLN A 289 -11.62 34.48 -4.43
CA GLN A 289 -10.45 34.61 -3.58
C GLN A 289 -10.79 35.13 -2.19
N GLU A 290 -11.78 36.02 -2.05
CA GLU A 290 -12.08 36.52 -0.70
C GLU A 290 -12.67 35.40 0.16
N ARG A 291 -13.43 34.47 -0.43
CA ARG A 291 -13.87 33.30 0.32
C ARG A 291 -12.68 32.40 0.66
N TYR A 292 -11.74 32.25 -0.28
CA TYR A 292 -10.60 31.37 -0.05
C TYR A 292 -9.79 31.85 1.14
N HIS A 293 -9.49 33.15 1.20
CA HIS A 293 -8.68 33.66 2.30
C HIS A 293 -9.44 33.62 3.61
N ARG A 294 -10.76 33.79 3.58
CA ARG A 294 -11.52 33.63 4.81
C ARG A 294 -11.33 32.22 5.37
N PHE A 295 -11.54 31.19 4.53
CA PHE A 295 -11.40 29.80 4.97
C PHE A 295 -9.97 29.48 5.37
N ARG A 296 -9.02 29.92 4.55
CA ARG A 296 -7.64 29.45 4.68
C ARG A 296 -6.98 29.96 5.96
N ASN A 297 -7.38 31.13 6.44
CA ASN A 297 -6.76 31.69 7.64
C ASN A 297 -7.45 31.25 8.92
N ASP A 298 -8.62 30.61 8.81
CA ASP A 298 -9.35 30.09 10.01
C ASP A 298 -8.88 28.66 10.24
N GLU A 299 -7.80 28.53 10.98
CA GLU A 299 -7.20 27.21 11.18
C GLU A 299 -8.11 26.31 11.99
N ALA A 300 -8.90 26.87 12.91
CA ALA A 300 -9.83 26.03 13.65
C ALA A 300 -10.96 25.54 12.75
N PHE A 301 -11.41 26.36 11.79
CA PHE A 301 -12.47 25.89 10.91
C PHE A 301 -11.98 24.72 10.07
N LEU A 302 -10.77 24.82 9.51
CA LEU A 302 -10.24 23.76 8.67
C LEU A 302 -10.09 22.47 9.47
N GLN A 303 -9.63 22.58 10.72
CA GLN A 303 -9.51 21.40 11.57
C GLN A 303 -10.87 20.75 11.81
N GLN A 304 -11.90 21.56 12.05
CA GLN A 304 -13.22 21.00 12.30
C GLN A 304 -13.75 20.29 11.07
N VAL A 305 -13.51 20.84 9.88
CA VAL A 305 -13.94 20.21 8.63
C VAL A 305 -13.20 18.89 8.40
N MET A 306 -11.89 18.89 8.66
CA MET A 306 -11.11 17.66 8.51
C MET A 306 -11.56 16.61 9.50
N LYS A 307 -11.83 17.02 10.74
CA LYS A 307 -12.28 16.06 11.75
C LYS A 307 -13.65 15.48 11.41
N ASP A 308 -14.62 16.34 11.05
CA ASP A 308 -15.95 15.86 10.66
C ASP A 308 -15.88 15.01 9.39
N GLY A 309 -15.17 15.49 8.37
CA GLY A 309 -15.09 14.74 7.13
C GLY A 309 -14.55 13.34 7.32
N ALA A 310 -13.42 13.22 8.03
CA ALA A 310 -12.77 11.92 8.22
C ALA A 310 -13.65 10.98 9.03
N GLU A 311 -14.34 11.50 10.05
CA GLU A 311 -15.25 10.68 10.83
C GLU A 311 -16.40 10.14 9.97
N LYS A 312 -16.99 11.01 9.13
CA LYS A 312 -18.03 10.57 8.20
C LYS A 312 -17.48 9.52 7.24
N ALA A 313 -16.27 9.75 6.73
CA ALA A 313 -15.69 8.81 5.78
C ALA A 313 -15.41 7.47 6.45
N SER A 314 -14.95 7.50 7.71
CA SER A 314 -14.54 6.27 8.39
C SER A 314 -15.72 5.35 8.67
N ALA A 315 -16.89 5.90 8.97
CA ALA A 315 -18.04 5.03 9.22
C ALA A 315 -18.39 4.22 7.98
N HIS A 316 -18.29 4.83 6.79
CA HIS A 316 -18.51 4.08 5.55
C HIS A 316 -17.32 3.16 5.25
N ALA A 317 -16.10 3.70 5.39
CA ALA A 317 -14.90 2.94 5.01
C ALA A 317 -14.75 1.70 5.86
N SER A 318 -14.93 1.82 7.17
CA SER A 318 -14.72 0.67 8.04
C SER A 318 -15.76 -0.42 7.78
N ARG A 319 -17.01 -0.03 7.51
CA ARG A 319 -18.04 -1.00 7.14
C ARG A 319 -17.60 -1.88 5.98
N THR A 320 -17.11 -1.26 4.89
CA THR A 320 -16.66 -2.06 3.75
C THR A 320 -15.44 -2.89 4.12
N LEU A 321 -14.48 -2.30 4.84
CA LEU A 321 -13.27 -3.04 5.14
C LEU A 321 -13.58 -4.27 5.99
N LYS A 322 -14.48 -4.12 6.96
CA LYS A 322 -14.80 -5.27 7.78
C LYS A 322 -15.35 -6.41 6.92
N ALA A 323 -16.17 -6.08 5.90
CA ALA A 323 -16.69 -7.10 4.99
C ALA A 323 -15.58 -7.73 4.16
N VAL A 324 -14.66 -6.90 3.65
CA VAL A 324 -13.54 -7.40 2.87
C VAL A 324 -12.73 -8.43 3.67
N TYR A 325 -12.33 -8.06 4.90
CA TYR A 325 -11.47 -8.92 5.73
C TYR A 325 -12.19 -10.21 6.15
N GLU A 326 -13.48 -10.11 6.42
CA GLU A 326 -14.27 -11.31 6.78
C GLU A 326 -14.32 -12.25 5.57
N ALA A 327 -14.52 -11.68 4.39
CA ALA A 327 -14.62 -12.49 3.18
C ALA A 327 -13.28 -13.11 2.82
N ILE A 328 -12.20 -12.34 2.97
CA ILE A 328 -10.85 -12.83 2.69
C ILE A 328 -10.51 -14.00 3.59
N GLY A 329 -10.99 -13.98 4.83
CA GLY A 329 -10.70 -14.99 5.81
C GLY A 329 -9.77 -14.59 6.96
N PHE A 330 -9.54 -13.30 7.16
CA PHE A 330 -8.76 -12.87 8.32
C PHE A 330 -9.52 -13.12 9.61
N VAL A 331 -8.78 -13.45 10.67
CA VAL A 331 -9.36 -13.36 12.01
C VAL A 331 -9.72 -11.91 12.27
N ALA A 332 -10.95 -11.66 12.70
CA ALA A 332 -11.36 -10.29 12.96
C ALA A 332 -10.67 -9.77 14.22
N LYS A 333 -10.44 -8.45 14.26
CA LYS A 333 -9.76 -7.83 15.42
C LYS A 333 -10.66 -7.89 16.66
N PRO A 334 -10.15 -8.42 17.79
CA PRO A 334 -10.91 -8.50 19.05
C PRO A 334 -11.25 -7.09 19.51
N HIS A 335 -12.51 -6.87 19.87
CA HIS A 335 -12.96 -5.51 20.25
C HIS A 335 -13.07 -5.40 21.78
N THR B 2 15.59 1.01 28.20
CA THR B 2 14.74 0.04 27.51
C THR B 2 15.62 -0.92 26.69
N LYS B 3 15.24 -2.18 26.61
CA LYS B 3 16.05 -3.14 25.87
C LYS B 3 16.01 -2.89 24.36
N PRO B 4 17.03 -3.34 23.63
CA PRO B 4 16.92 -3.41 22.16
C PRO B 4 15.76 -4.31 21.77
N ILE B 5 15.28 -4.12 20.55
CA ILE B 5 13.99 -4.64 20.13
C ILE B 5 14.22 -5.67 19.03
N VAL B 6 13.58 -6.81 19.19
CA VAL B 6 13.55 -7.88 18.21
C VAL B 6 12.17 -7.92 17.58
N PHE B 7 12.12 -8.09 16.26
CA PHE B 7 10.85 -8.27 15.58
C PHE B 7 11.01 -9.36 14.54
N SER B 8 10.02 -10.23 14.43
CA SER B 8 10.01 -11.19 13.32
C SER B 8 8.59 -11.70 13.06
N GLY B 9 8.42 -12.29 11.88
CA GLY B 9 7.12 -12.72 11.44
C GLY B 9 7.15 -14.05 10.74
N ALA B 10 6.00 -14.73 10.78
CA ALA B 10 5.77 -15.96 10.05
C ALA B 10 4.36 -15.88 9.49
N GLN B 11 4.20 -16.44 8.30
CA GLN B 11 2.95 -16.55 7.56
C GLN B 11 2.08 -17.66 8.13
N PRO B 12 0.78 -17.39 8.35
CA PRO B 12 -0.19 -18.45 8.67
C PRO B 12 -0.69 -19.13 7.40
N SER B 13 0.23 -19.71 6.66
CA SER B 13 -0.09 -20.36 5.40
C SER B 13 0.78 -21.60 5.30
N GLY B 14 0.23 -22.67 4.76
CA GLY B 14 0.88 -23.96 4.79
C GLY B 14 1.14 -24.45 6.22
N GLU B 15 1.79 -25.59 6.33
CA GLU B 15 2.11 -26.16 7.62
C GLU B 15 3.58 -25.90 7.91
N LEU B 16 3.84 -25.22 9.03
CA LEU B 16 5.19 -24.86 9.41
C LEU B 16 6.03 -26.11 9.57
N THR B 17 7.31 -26.01 9.21
CA THR B 17 8.23 -27.13 9.13
C THR B 17 9.28 -27.04 10.23
N ILE B 18 10.15 -28.06 10.27
CA ILE B 18 11.33 -27.97 11.11
C ILE B 18 12.30 -26.93 10.57
N GLY B 19 12.22 -26.60 9.28
CA GLY B 19 12.99 -25.48 8.77
C GLY B 19 12.53 -24.16 9.38
N ASN B 20 11.22 -23.96 9.48
CA ASN B 20 10.72 -22.75 10.12
C ASN B 20 11.19 -22.69 11.57
N TYR B 21 11.13 -23.82 12.27
CA TYR B 21 11.59 -23.86 13.65
C TYR B 21 13.06 -23.52 13.75
N MET B 22 13.88 -24.18 12.94
CA MET B 22 15.32 -24.05 13.10
C MET B 22 15.82 -22.71 12.60
N GLY B 23 15.23 -22.18 11.52
CA GLY B 23 15.69 -20.92 11.00
C GLY B 23 15.20 -19.73 11.78
N ALA B 24 14.00 -19.81 12.36
CA ALA B 24 13.46 -18.64 13.05
C ALA B 24 12.98 -18.91 14.45
N LEU B 25 12.01 -19.83 14.58
CA LEU B 25 11.25 -19.95 15.82
C LEU B 25 12.13 -20.28 17.01
N ARG B 26 13.14 -21.12 16.81
CA ARG B 26 14.06 -21.48 17.89
C ARG B 26 14.72 -20.23 18.45
N GLN B 27 15.20 -19.36 17.56
CA GLN B 27 15.81 -18.12 17.99
C GLN B 27 14.81 -17.19 18.65
N TRP B 28 13.55 -17.18 18.17
CA TRP B 28 12.56 -16.31 18.80
C TRP B 28 12.41 -16.65 20.27
N VAL B 29 12.30 -17.95 20.57
CA VAL B 29 12.10 -18.35 21.96
C VAL B 29 13.30 -17.94 22.78
N ASN B 30 14.49 -18.18 22.24
CA ASN B 30 15.72 -17.96 22.99
C ASN B 30 16.02 -16.49 23.23
N MET B 31 15.42 -15.59 22.47
CA MET B 31 15.72 -14.17 22.64
C MET B 31 14.77 -13.47 23.58
N GLN B 32 13.77 -14.16 24.12
CA GLN B 32 12.67 -13.47 24.78
C GLN B 32 13.10 -12.79 26.06
N ASP B 33 14.09 -13.33 26.76
CA ASP B 33 14.57 -12.66 27.96
C ASP B 33 15.62 -11.60 27.66
N ASP B 34 16.52 -11.88 26.70
CA ASP B 34 17.65 -10.99 26.43
C ASP B 34 17.25 -9.68 25.76
N TYR B 35 16.14 -9.64 25.02
CA TYR B 35 15.74 -8.46 24.28
C TYR B 35 14.24 -8.30 24.42
N HIS B 36 13.71 -7.21 23.89
CA HIS B 36 12.27 -6.92 23.93
C HIS B 36 11.69 -7.41 22.59
N CYS B 37 11.05 -8.56 22.61
CA CYS B 37 10.70 -9.28 21.40
C CYS B 37 9.25 -9.04 21.01
N ILE B 38 9.03 -8.84 19.71
CA ILE B 38 7.71 -8.67 19.12
C ILE B 38 7.60 -9.66 17.96
N TYR B 39 6.60 -10.54 18.04
CA TYR B 39 6.43 -11.59 17.05
C TYR B 39 5.05 -11.48 16.42
N CYS B 40 5.00 -11.63 15.09
CA CYS B 40 3.81 -11.31 14.33
C CYS B 40 3.40 -12.46 13.42
N ILE B 41 2.09 -12.64 13.26
CA ILE B 41 1.55 -13.55 12.26
C ILE B 41 1.11 -12.70 11.07
N VAL B 42 1.79 -12.85 9.95
CA VAL B 42 1.67 -11.88 8.84
C VAL B 42 0.57 -12.39 7.91
N ASP B 43 -0.68 -12.15 8.28
CA ASP B 43 -1.83 -12.59 7.45
C ASP B 43 -1.92 -11.75 6.17
N GLN B 44 -1.41 -10.53 6.17
CA GLN B 44 -1.52 -9.74 4.95
C GLN B 44 -0.51 -10.18 3.90
N HIS B 45 0.63 -10.72 4.34
CA HIS B 45 1.56 -11.35 3.40
C HIS B 45 1.00 -12.67 2.88
N ALA B 46 0.25 -13.40 3.70
CA ALA B 46 -0.18 -14.74 3.32
C ALA B 46 -1.06 -14.71 2.07
N ILE B 47 -1.91 -13.68 1.94
CA ILE B 47 -2.88 -13.62 0.85
C ILE B 47 -2.30 -13.17 -0.48
N THR B 48 -0.98 -12.92 -0.55
CA THR B 48 -0.36 -12.76 -1.86
C THR B 48 -0.33 -14.08 -2.63
N VAL B 49 -0.69 -15.18 -1.97
CA VAL B 49 -0.87 -16.48 -2.60
C VAL B 49 -2.29 -16.89 -2.27
N ARG B 50 -3.12 -17.07 -3.30
CA ARG B 50 -4.55 -17.19 -3.08
C ARG B 50 -4.83 -18.36 -2.14
N GLN B 51 -5.71 -18.13 -1.17
CA GLN B 51 -5.98 -19.06 -0.10
C GLN B 51 -7.47 -19.20 0.10
N ASP B 52 -7.89 -20.40 0.50
CA ASP B 52 -9.31 -20.59 0.87
C ASP B 52 -9.55 -19.75 2.12
N ALA B 53 -10.62 -19.00 2.14
CA ALA B 53 -10.86 -18.06 3.24
C ALA B 53 -10.97 -18.78 4.58
N GLN B 54 -11.67 -19.91 4.59
CA GLN B 54 -11.87 -20.65 5.84
C GLN B 54 -10.56 -21.21 6.36
N LYS B 55 -9.72 -21.73 5.47
CA LYS B 55 -8.44 -22.25 5.90
C LYS B 55 -7.59 -21.15 6.49
N LEU B 56 -7.63 -19.96 5.89
CA LEU B 56 -6.76 -18.87 6.34
C LEU B 56 -7.10 -18.45 7.77
N ARG B 57 -8.39 -18.34 8.09
CA ARG B 57 -8.80 -18.01 9.45
C ARG B 57 -8.40 -19.11 10.44
N LYS B 58 -8.53 -20.38 10.04
CA LYS B 58 -8.13 -21.46 10.91
C LYS B 58 -6.61 -21.53 11.04
N ALA B 59 -5.89 -21.31 9.93
CA ALA B 59 -4.43 -21.34 9.97
C ALA B 59 -3.86 -20.23 10.86
N THR B 60 -4.56 -19.09 10.96
CA THR B 60 -4.08 -18.02 11.82
C THR B 60 -4.07 -18.43 13.29
N LEU B 61 -5.17 -19.06 13.74
CA LEU B 61 -5.17 -19.59 15.10
C LEU B 61 -4.19 -20.74 15.27
N ASP B 62 -4.01 -21.57 14.24
CA ASP B 62 -3.03 -22.66 14.32
C ASP B 62 -1.63 -22.11 14.57
N THR B 63 -1.25 -21.09 13.80
CA THR B 63 0.09 -20.52 13.93
C THR B 63 0.29 -19.93 15.32
N LEU B 64 -0.71 -19.21 15.82
CA LEU B 64 -0.60 -18.59 17.14
C LEU B 64 -0.39 -19.64 18.23
N ALA B 65 -1.17 -20.72 18.19
CA ALA B 65 -0.99 -21.79 19.17
C ALA B 65 0.33 -22.50 18.98
N LEU B 66 0.84 -22.57 17.75
CA LEU B 66 2.16 -23.16 17.55
C LEU B 66 3.26 -22.30 18.15
N TYR B 67 3.11 -20.97 18.05
CA TYR B 67 4.04 -20.06 18.74
C TYR B 67 4.08 -20.38 20.24
N LEU B 68 2.90 -20.48 20.86
CA LEU B 68 2.83 -20.73 22.28
C LEU B 68 3.41 -22.09 22.64
N ALA B 69 3.12 -23.11 21.83
CA ALA B 69 3.68 -24.44 22.07
C ALA B 69 5.20 -24.43 21.96
N CYS B 70 5.74 -23.62 21.06
CA CYS B 70 7.19 -23.54 20.93
C CYS B 70 7.83 -22.86 22.12
N GLY B 71 7.03 -22.18 22.96
CA GLY B 71 7.54 -21.46 24.11
C GLY B 71 7.50 -19.94 24.02
N ILE B 72 6.95 -19.36 22.95
CA ILE B 72 6.75 -17.92 22.97
C ILE B 72 5.77 -17.59 24.07
N ASP B 73 6.15 -16.67 24.95
CA ASP B 73 5.41 -16.35 26.17
C ASP B 73 4.73 -15.00 26.01
N PRO B 74 3.40 -14.89 26.02
CA PRO B 74 2.78 -13.56 25.84
C PRO B 74 3.03 -12.61 27.01
N GLU B 75 3.55 -13.08 28.13
CA GLU B 75 3.96 -12.17 29.19
C GLU B 75 5.37 -11.64 29.00
N LYS B 76 6.19 -12.31 28.19
CA LYS B 76 7.49 -11.80 27.82
C LYS B 76 7.49 -11.09 26.48
N SER B 77 6.68 -11.55 25.52
CA SER B 77 6.75 -11.13 24.14
C SER B 77 5.42 -10.51 23.71
N THR B 78 5.50 -9.58 22.76
CA THR B 78 4.31 -9.10 22.09
C THR B 78 4.00 -10.05 20.93
N ILE B 79 2.81 -10.62 20.92
CA ILE B 79 2.36 -11.50 19.83
C ILE B 79 1.05 -10.93 19.27
N PHE B 80 1.01 -10.74 17.96
CA PHE B 80 -0.20 -10.19 17.36
C PHE B 80 -0.36 -10.67 15.93
N VAL B 81 -1.53 -10.37 15.37
CA VAL B 81 -1.85 -10.67 13.99
C VAL B 81 -1.67 -9.38 13.21
N GLN B 82 -0.94 -9.44 12.10
CA GLN B 82 -0.54 -8.25 11.35
C GLN B 82 -1.72 -7.36 10.98
N SER B 83 -2.84 -7.94 10.56
CA SER B 83 -3.93 -7.10 10.06
C SER B 83 -4.69 -6.39 11.16
N HIS B 84 -4.50 -6.79 12.42
CA HIS B 84 -5.10 -6.08 13.54
C HIS B 84 -4.42 -4.75 13.84
N VAL B 85 -3.41 -4.35 13.10
CA VAL B 85 -2.65 -3.13 13.36
C VAL B 85 -2.55 -2.34 12.05
N PRO B 86 -3.52 -1.48 11.76
CA PRO B 86 -3.59 -0.84 10.44
C PRO B 86 -2.31 -0.13 10.04
N GLU B 87 -1.47 0.23 11.03
CA GLU B 87 -0.24 0.97 10.75
C GLU B 87 0.73 0.18 9.89
N HIS B 88 0.63 -1.13 9.85
CA HIS B 88 1.42 -1.88 8.89
C HIS B 88 1.04 -1.49 7.46
N ALA B 89 -0.26 -1.51 7.14
CA ALA B 89 -0.69 -1.09 5.80
C ALA B 89 -0.30 0.36 5.52
N GLN B 90 -0.53 1.26 6.48
CA GLN B 90 -0.26 2.68 6.24
C GLN B 90 1.21 2.90 5.93
N LEU B 91 2.11 2.37 6.76
CA LEU B 91 3.52 2.60 6.49
C LEU B 91 3.95 1.86 5.23
N GLY B 92 3.40 0.67 5.01
CA GLY B 92 3.67 -0.02 3.76
C GLY B 92 3.35 0.81 2.53
N TRP B 93 2.26 1.59 2.58
CA TRP B 93 1.99 2.46 1.42
C TRP B 93 3.05 3.54 1.28
N ALA B 94 3.35 4.26 2.35
CA ALA B 94 4.29 5.37 2.29
C ALA B 94 5.70 4.92 1.87
N LEU B 95 6.16 3.77 2.37
CA LEU B 95 7.47 3.26 1.97
C LEU B 95 7.52 2.82 0.49
N ASN B 96 6.39 2.49 -0.11
CA ASN B 96 6.35 2.24 -1.56
C ASN B 96 7.01 3.38 -2.34
N CYS B 97 6.81 4.62 -1.87
CA CYS B 97 7.32 5.81 -2.53
C CYS B 97 8.81 6.03 -2.32
N TYR B 98 9.47 5.27 -1.43
CA TYR B 98 10.90 5.34 -1.21
C TYR B 98 11.61 4.06 -1.65
N THR B 99 10.95 3.25 -2.46
CA THR B 99 11.45 1.98 -2.95
C THR B 99 11.49 2.06 -4.46
N TYR B 100 12.63 1.68 -5.05
CA TYR B 100 12.73 1.66 -6.51
C TYR B 100 12.13 0.38 -7.07
N PHE B 101 11.61 0.49 -8.28
CA PHE B 101 10.99 -0.64 -8.97
C PHE B 101 12.00 -1.76 -9.19
N GLY B 102 13.22 -1.39 -9.59
CA GLY B 102 14.24 -2.40 -9.81
C GLY B 102 14.49 -3.26 -8.60
N GLU B 103 14.57 -2.64 -7.41
CA GLU B 103 14.81 -3.38 -6.19
C GLU B 103 13.80 -4.49 -5.99
N LEU B 104 12.52 -4.20 -6.28
CA LEU B 104 11.49 -5.23 -6.14
C LEU B 104 11.58 -6.27 -7.25
N SER B 105 11.91 -5.87 -8.49
CA SER B 105 11.90 -6.81 -9.61
C SER B 105 13.13 -7.70 -9.64
N ARG B 106 14.15 -7.42 -8.82
CA ARG B 106 15.32 -8.28 -8.70
C ARG B 106 15.21 -9.26 -7.53
N MET B 107 14.05 -9.36 -6.90
CA MET B 107 13.94 -10.15 -5.67
C MET B 107 13.84 -11.63 -5.99
N THR B 108 14.74 -12.44 -5.37
CA THR B 108 14.74 -13.87 -5.62
C THR B 108 13.38 -14.47 -5.28
N GLN B 109 12.78 -14.03 -4.19
CA GLN B 109 11.52 -14.66 -3.76
C GLN B 109 10.41 -14.31 -4.76
N PHE B 110 10.43 -13.10 -5.30
CA PHE B 110 9.43 -12.74 -6.32
C PHE B 110 9.56 -13.63 -7.54
N LYS B 111 10.79 -13.88 -8.00
CA LYS B 111 11.00 -14.73 -9.16
C LYS B 111 10.55 -16.17 -8.89
N ASP B 112 10.95 -16.70 -7.74
CA ASP B 112 10.57 -18.08 -7.39
C ASP B 112 9.07 -18.23 -7.27
N LYS B 113 8.41 -17.26 -6.62
CA LYS B 113 6.96 -17.33 -6.45
C LYS B 113 6.24 -17.11 -7.77
N SER B 114 6.78 -16.26 -8.64
CA SER B 114 6.20 -16.10 -9.97
C SER B 114 6.13 -17.43 -10.69
N ALA B 115 7.27 -18.16 -10.72
CA ALA B 115 7.31 -19.43 -11.42
C ALA B 115 6.33 -20.43 -10.81
N ARG B 116 6.25 -20.46 -9.48
CA ARG B 116 5.39 -21.42 -8.81
C ARG B 116 3.90 -21.08 -8.90
N TYR B 117 3.55 -19.81 -9.10
CA TYR B 117 2.17 -19.37 -9.00
C TYR B 117 1.78 -18.58 -10.23
N ALA B 118 2.14 -19.13 -11.40
CA ALA B 118 2.11 -18.35 -12.64
C ALA B 118 0.70 -17.91 -13.02
N GLU B 119 -0.33 -18.49 -12.42
CA GLU B 119 -1.70 -18.03 -12.65
C GLU B 119 -2.10 -16.85 -11.76
N ASN B 120 -1.28 -16.51 -10.76
CA ASN B 120 -1.61 -15.48 -9.78
C ASN B 120 -0.38 -14.60 -9.47
N ILE B 121 0.23 -14.03 -10.50
CA ILE B 121 1.37 -13.13 -10.30
C ILE B 121 0.78 -11.74 -10.04
N ASN B 122 0.37 -11.52 -8.79
CA ASN B 122 -0.30 -10.28 -8.40
C ASN B 122 0.72 -9.26 -7.86
N ALA B 123 0.26 -8.01 -7.69
CA ALA B 123 1.14 -6.92 -7.26
C ALA B 123 1.50 -6.99 -5.78
N GLY B 124 0.68 -7.65 -4.96
CA GLY B 124 1.09 -7.92 -3.59
C GLY B 124 2.34 -8.78 -3.56
N LEU B 125 2.38 -9.78 -4.45
CA LEU B 125 3.57 -10.63 -4.59
C LEU B 125 4.79 -9.79 -4.98
N PHE B 126 4.58 -8.78 -5.81
CA PHE B 126 5.67 -7.85 -6.14
C PHE B 126 6.01 -6.93 -4.97
N ASP B 127 5.00 -6.34 -4.34
CA ASP B 127 5.19 -5.36 -3.27
C ASP B 127 5.56 -5.98 -1.93
N TYR B 128 5.52 -7.31 -1.81
CA TYR B 128 5.82 -8.04 -0.57
C TYR B 128 6.96 -7.45 0.27
N PRO B 129 8.12 -7.09 -0.27
CA PRO B 129 9.21 -6.61 0.60
C PRO B 129 8.93 -5.27 1.23
N VAL B 130 8.08 -4.44 0.64
CA VAL B 130 7.84 -3.11 1.20
C VAL B 130 7.02 -3.22 2.48
N LEU B 131 5.94 -3.99 2.43
CA LEU B 131 5.15 -4.26 3.63
C LEU B 131 6.01 -4.92 4.71
N MET B 132 6.86 -5.87 4.33
CA MET B 132 7.77 -6.49 5.30
C MET B 132 8.74 -5.47 5.90
N ALA B 133 9.27 -4.55 5.08
CA ALA B 133 10.02 -3.43 5.65
C ALA B 133 9.17 -2.61 6.61
N ALA B 134 7.89 -2.38 6.26
CA ALA B 134 7.02 -1.63 7.15
C ALA B 134 6.80 -2.37 8.45
N ASP B 135 6.62 -3.68 8.41
CA ASP B 135 6.43 -4.46 9.65
C ASP B 135 7.64 -4.27 10.55
N ILE B 136 8.82 -4.10 9.98
CA ILE B 136 10.03 -4.06 10.79
C ILE B 136 10.29 -2.66 11.33
N LEU B 137 10.21 -1.65 10.47
CA LEU B 137 10.61 -0.31 10.87
C LEU B 137 9.58 0.37 11.77
N LEU B 138 8.33 -0.12 11.77
CA LEU B 138 7.33 0.44 12.69
C LEU B 138 7.77 0.33 14.16
N TYR B 139 8.60 -0.65 14.52
CA TYR B 139 8.86 -0.95 15.93
C TYR B 139 10.25 -0.54 16.38
N GLN B 140 10.96 0.25 15.58
CA GLN B 140 12.30 0.71 15.92
C GLN B 140 13.24 -0.48 16.13
N THR B 141 13.09 -1.50 15.29
CA THR B 141 13.67 -2.80 15.52
C THR B 141 15.20 -2.77 15.36
N ASN B 142 15.89 -3.47 16.26
CA ASN B 142 17.33 -3.65 16.17
C ASN B 142 17.71 -4.98 15.54
N LEU B 143 16.97 -6.05 15.85
CA LEU B 143 17.31 -7.38 15.38
C LEU B 143 16.11 -8.06 14.73
N VAL B 144 16.36 -8.75 13.63
CA VAL B 144 15.34 -9.53 12.96
C VAL B 144 15.83 -10.97 12.80
N PRO B 145 15.40 -11.90 13.68
CA PRO B 145 15.75 -13.32 13.51
C PRO B 145 15.00 -14.00 12.38
N VAL B 146 15.69 -14.34 11.29
CA VAL B 146 15.06 -15.04 10.18
C VAL B 146 16.00 -16.11 9.62
N GLY B 147 15.45 -16.94 8.75
CA GLY B 147 16.25 -17.87 8.01
C GLY B 147 16.92 -17.18 6.83
N GLU B 148 17.76 -17.95 6.14
CA GLU B 148 18.70 -17.39 5.19
C GLU B 148 18.00 -16.88 3.94
N ASP B 149 16.84 -17.46 3.63
CA ASP B 149 16.03 -17.08 2.49
C ASP B 149 15.38 -15.71 2.65
N GLN B 150 15.40 -15.10 3.84
CA GLN B 150 14.85 -13.77 4.01
C GLN B 150 15.91 -12.69 3.97
N LYS B 151 17.17 -13.06 3.73
CA LYS B 151 18.27 -12.10 3.88
C LYS B 151 18.20 -10.98 2.86
N GLN B 152 17.82 -11.29 1.61
CA GLN B 152 17.70 -10.24 0.61
C GLN B 152 16.61 -9.23 1.00
N HIS B 153 15.45 -9.74 1.43
CA HIS B 153 14.38 -8.87 1.92
C HIS B 153 14.89 -8.00 3.06
N LEU B 154 15.58 -8.60 4.03
CA LEU B 154 16.03 -7.84 5.18
C LEU B 154 16.99 -6.72 4.77
N GLU B 155 17.85 -7.00 3.78
CA GLU B 155 18.78 -5.99 3.30
C GLU B 155 18.08 -4.83 2.59
N LEU B 156 16.94 -5.09 1.94
CA LEU B 156 16.15 -3.99 1.36
C LEU B 156 15.61 -3.08 2.45
N SER B 157 15.11 -3.65 3.53
CA SER B 157 14.57 -2.82 4.58
C SER B 157 15.65 -1.98 5.27
N ARG B 158 16.91 -2.45 5.32
CA ARG B 158 17.97 -1.58 5.78
C ARG B 158 18.20 -0.44 4.80
N ASP B 159 18.18 -0.75 3.50
CA ASP B 159 18.30 0.28 2.47
C ASP B 159 17.19 1.31 2.56
N ILE B 160 15.94 0.85 2.68
CA ILE B 160 14.81 1.78 2.77
C ILE B 160 14.93 2.64 4.02
N ALA B 161 15.30 2.02 5.15
CA ALA B 161 15.48 2.78 6.38
C ALA B 161 16.53 3.87 6.19
N GLN B 162 17.67 3.51 5.60
CA GLN B 162 18.74 4.48 5.45
C GLN B 162 18.33 5.58 4.45
N ARG B 163 17.70 5.20 3.34
CA ARG B 163 17.20 6.20 2.39
C ARG B 163 16.27 7.20 3.07
N PHE B 164 15.29 6.70 3.83
CA PHE B 164 14.36 7.59 4.52
C PHE B 164 15.08 8.45 5.56
N ASN B 165 15.99 7.85 6.33
CA ASN B 165 16.69 8.62 7.35
C ASN B 165 17.54 9.73 6.73
N ALA B 166 18.22 9.41 5.62
CA ALA B 166 19.08 10.39 4.96
C ALA B 166 18.29 11.63 4.56
N LEU B 167 16.99 11.50 4.34
CA LEU B 167 16.17 12.63 3.96
C LEU B 167 15.60 13.36 5.17
N TYR B 168 15.15 12.64 6.19
CA TYR B 168 14.28 13.24 7.20
C TYR B 168 14.85 13.17 8.61
N GLY B 169 16.03 12.59 8.80
CA GLY B 169 16.55 12.40 10.15
C GLY B 169 16.36 10.98 10.64
N GLU B 170 16.74 10.78 11.92
CA GLU B 170 16.75 9.45 12.54
C GLU B 170 15.32 9.06 12.96
N ILE B 171 14.52 8.74 11.95
CA ILE B 171 13.15 8.34 12.21
C ILE B 171 13.06 6.85 12.44
N PHE B 172 13.77 6.08 11.63
CA PHE B 172 13.85 4.63 11.73
C PHE B 172 15.19 4.23 12.35
N LYS B 173 15.22 3.04 12.97
CA LYS B 173 16.49 2.38 13.24
C LYS B 173 16.85 1.50 12.06
N VAL B 174 18.14 1.37 11.81
CA VAL B 174 18.60 0.43 10.80
C VAL B 174 18.64 -0.94 11.45
N PRO B 175 17.74 -1.83 11.07
CA PRO B 175 17.72 -3.17 11.69
C PRO B 175 18.92 -3.99 11.23
N GLU B 176 19.20 -5.03 11.99
CA GLU B 176 20.31 -5.94 11.64
C GLU B 176 19.75 -7.38 11.57
N PRO B 177 20.15 -8.18 10.59
CA PRO B 177 19.69 -9.57 10.51
C PRO B 177 20.28 -10.41 11.63
N PHE B 178 19.55 -11.45 12.02
CA PHE B 178 20.04 -12.43 12.99
C PHE B 178 19.75 -13.84 12.49
N ILE B 179 20.74 -14.45 11.86
CA ILE B 179 20.60 -15.69 11.11
C ILE B 179 21.52 -16.73 11.73
N PRO B 180 21.02 -17.86 12.20
CA PRO B 180 21.88 -18.82 12.92
C PRO B 180 22.91 -19.47 12.01
N LYS B 181 24.10 -19.71 12.58
CA LYS B 181 25.15 -20.33 11.77
C LYS B 181 24.82 -21.78 11.41
N SER B 182 24.03 -22.47 12.24
CA SER B 182 23.56 -23.82 11.95
C SER B 182 22.03 -23.84 11.81
N GLY B 183 21.54 -24.49 10.77
CA GLY B 183 20.10 -24.55 10.57
C GLY B 183 19.46 -23.29 10.00
N ALA B 184 20.23 -22.47 9.28
CA ALA B 184 19.67 -21.29 8.62
C ALA B 184 18.92 -21.67 7.34
N ARG B 185 19.30 -22.76 6.69
CA ARG B 185 18.67 -23.25 5.47
C ARG B 185 18.57 -24.77 5.62
N VAL B 186 17.53 -25.23 6.31
CA VAL B 186 17.31 -26.66 6.46
C VAL B 186 16.96 -27.24 5.11
N MET B 187 17.59 -28.37 4.77
CA MET B 187 17.54 -28.94 3.44
C MET B 187 16.44 -30.01 3.32
N SER B 188 16.08 -30.33 2.08
CA SER B 188 15.06 -31.35 1.83
C SER B 188 15.58 -32.75 2.14
N LEU B 189 14.72 -33.61 2.69
CA LEU B 189 15.18 -34.94 3.11
C LEU B 189 15.65 -35.78 1.92
N LEU B 190 14.87 -35.81 0.83
CA LEU B 190 15.24 -36.65 -0.30
C LEU B 190 16.02 -35.92 -1.37
N GLU B 191 16.19 -34.60 -1.25
CA GLU B 191 16.98 -33.79 -2.18
C GLU B 191 17.74 -32.72 -1.40
N PRO B 192 18.84 -33.11 -0.73
CA PRO B 192 19.48 -32.18 0.22
C PRO B 192 20.17 -31.00 -0.44
N THR B 193 20.04 -30.85 -1.76
CA THR B 193 20.45 -29.61 -2.43
C THR B 193 19.36 -28.54 -2.44
N LYS B 194 18.12 -28.88 -2.07
CA LYS B 194 16.98 -27.98 -2.10
C LYS B 194 16.59 -27.60 -0.68
N LYS B 195 16.27 -26.34 -0.44
CA LYS B 195 15.80 -25.97 0.89
C LYS B 195 14.45 -26.62 1.15
N MET B 196 14.23 -27.04 2.39
CA MET B 196 12.96 -27.61 2.79
C MET B 196 11.89 -26.53 2.72
N SER B 197 10.90 -26.72 1.85
CA SER B 197 9.91 -25.70 1.54
C SER B 197 8.56 -26.07 2.16
N LYS B 198 7.88 -25.07 2.71
CA LYS B 198 6.51 -25.29 3.22
C LYS B 198 5.54 -25.31 2.03
N SER B 199 6.04 -25.43 0.78
CA SER B 199 5.17 -25.48 -0.45
C SER B 199 5.49 -26.75 -1.26
N ASP B 200 6.23 -27.71 -0.71
CA ASP B 200 6.66 -28.89 -1.50
C ASP B 200 5.49 -29.80 -1.83
N ASP B 201 5.46 -30.30 -3.05
CA ASP B 201 4.36 -31.17 -3.48
C ASP B 201 4.63 -32.65 -3.21
N ASN B 202 5.83 -33.07 -2.83
CA ASN B 202 6.02 -34.39 -2.25
C ASN B 202 6.49 -34.23 -0.81
N ARG B 203 5.66 -34.68 0.10
CA ARG B 203 5.82 -34.45 1.53
C ARG B 203 6.94 -35.27 2.14
N ASN B 204 7.52 -36.20 1.39
CA ASN B 204 8.67 -36.97 1.88
C ASN B 204 9.91 -36.10 2.05
N ASN B 205 9.90 -34.87 1.54
CA ASN B 205 11.00 -33.95 1.77
C ASN B 205 10.86 -33.15 3.04
N VAL B 206 9.69 -33.16 3.67
CA VAL B 206 9.33 -32.17 4.68
C VAL B 206 9.06 -32.84 6.00
N ILE B 207 9.52 -32.19 7.07
CA ILE B 207 9.16 -32.53 8.44
C ILE B 207 8.25 -31.41 8.91
N GLY B 208 6.96 -31.70 9.08
CA GLY B 208 6.02 -30.72 9.57
C GLY B 208 6.04 -30.71 11.08
N LEU B 209 5.90 -29.52 11.65
CA LEU B 209 5.92 -29.39 13.11
C LEU B 209 4.72 -30.07 13.74
N LEU B 210 3.61 -30.15 13.01
CA LEU B 210 2.37 -30.73 13.52
C LEU B 210 2.11 -32.10 12.92
N GLU B 211 3.01 -32.60 12.09
CA GLU B 211 2.82 -33.89 11.43
C GLU B 211 2.98 -35.06 12.41
N ASP B 212 2.34 -36.18 12.09
CA ASP B 212 2.35 -37.36 12.96
C ASP B 212 3.78 -37.82 13.21
N PRO B 213 4.23 -37.91 14.46
CA PRO B 213 5.62 -38.30 14.71
C PRO B 213 6.00 -39.61 14.04
N LYS B 214 5.07 -40.58 13.96
CA LYS B 214 5.38 -41.88 13.35
C LYS B 214 5.68 -41.73 11.87
N SER B 215 4.93 -40.87 11.19
CA SER B 215 5.23 -40.60 9.79
C SER B 215 6.55 -39.84 9.65
N VAL B 216 6.92 -39.05 10.67
CA VAL B 216 8.16 -38.28 10.58
C VAL B 216 9.37 -39.18 10.71
N VAL B 217 9.29 -40.18 11.60
CA VAL B 217 10.45 -41.06 11.76
C VAL B 217 10.68 -41.82 10.46
N LYS B 218 9.61 -42.21 9.79
CA LYS B 218 9.76 -42.89 8.51
C LYS B 218 10.52 -42.02 7.51
N LYS B 219 10.18 -40.73 7.43
CA LYS B 219 10.85 -39.88 6.45
C LYS B 219 12.33 -39.73 6.78
N ILE B 220 12.67 -39.60 8.06
CA ILE B 220 14.06 -39.36 8.41
C ILE B 220 14.91 -40.59 8.17
N LYS B 221 14.35 -41.79 8.41
CA LYS B 221 15.08 -43.02 8.11
C LYS B 221 15.41 -43.15 6.63
N ARG B 222 14.62 -42.56 5.74
CA ARG B 222 14.90 -42.63 4.31
C ARG B 222 15.61 -41.39 3.81
N ALA B 223 16.23 -40.61 4.69
CA ALA B 223 16.93 -39.42 4.25
C ALA B 223 18.09 -39.81 3.34
N VAL B 224 18.31 -39.02 2.30
CA VAL B 224 19.36 -39.31 1.35
C VAL B 224 20.71 -38.87 1.92
N THR B 225 21.63 -39.81 2.03
CA THR B 225 22.99 -39.55 2.49
C THR B 225 23.96 -39.75 1.32
N ASP B 226 25.23 -39.47 1.55
CA ASP B 226 26.23 -39.51 0.49
C ASP B 226 26.77 -40.93 0.31
N SER B 227 27.63 -41.11 -0.69
CA SER B 227 28.22 -42.41 -1.00
C SER B 227 29.70 -42.50 -0.60
N ASP B 228 30.05 -41.83 0.49
CA ASP B 228 31.45 -41.87 0.99
C ASP B 228 31.84 -43.28 1.42
N GLU B 229 33.02 -43.74 1.01
CA GLU B 229 33.52 -45.04 1.42
C GLU B 229 34.84 -44.87 2.17
N PRO B 230 34.91 -45.24 3.43
CA PRO B 230 33.81 -45.80 4.21
C PRO B 230 32.88 -44.68 4.63
N PRO B 231 31.65 -44.96 5.04
CA PRO B 231 30.80 -43.88 5.59
C PRO B 231 31.43 -43.26 6.82
N VAL B 232 31.20 -41.96 7.00
CA VAL B 232 31.73 -41.21 8.13
C VAL B 232 30.75 -40.11 8.48
N VAL B 233 30.42 -40.00 9.76
CA VAL B 233 29.50 -38.96 10.25
C VAL B 233 30.36 -37.72 10.51
N ARG B 234 30.48 -36.87 9.49
CA ARG B 234 31.27 -35.66 9.55
C ARG B 234 30.46 -34.50 9.01
N TYR B 235 30.69 -33.31 9.56
CA TYR B 235 29.96 -32.11 9.15
C TYR B 235 30.66 -31.45 7.99
N ASP B 236 30.01 -31.43 6.83
CA ASP B 236 30.56 -30.74 5.67
C ASP B 236 29.40 -30.47 4.73
N VAL B 237 28.92 -29.21 4.72
CA VAL B 237 27.70 -28.89 3.97
C VAL B 237 27.91 -29.05 2.46
N GLN B 238 29.14 -28.85 1.98
CA GLN B 238 29.39 -28.94 0.55
C GLN B 238 29.28 -30.38 0.05
N ASN B 239 30.15 -31.27 0.54
CA ASN B 239 30.25 -32.62 -0.03
C ASN B 239 29.52 -33.68 0.79
N LYS B 240 28.89 -33.32 1.90
CA LYS B 240 28.16 -34.26 2.75
C LYS B 240 26.81 -33.65 3.16
N ALA B 241 26.06 -33.15 2.19
CA ALA B 241 24.87 -32.35 2.46
C ALA B 241 23.85 -33.10 3.31
N GLY B 242 23.50 -34.32 2.90
CA GLY B 242 22.53 -35.09 3.67
C GLY B 242 22.97 -35.26 5.11
N VAL B 243 24.23 -35.66 5.33
CA VAL B 243 24.73 -35.92 6.68
C VAL B 243 24.69 -34.66 7.53
N SER B 244 25.16 -33.54 6.96
CA SER B 244 25.23 -32.29 7.72
C SER B 244 23.85 -31.78 8.10
N ASN B 245 22.87 -31.91 7.18
CA ASN B 245 21.49 -31.52 7.48
C ASN B 245 20.93 -32.32 8.65
N LEU B 246 21.20 -33.63 8.67
CA LEU B 246 20.79 -34.43 9.83
C LEU B 246 21.51 -33.98 11.10
N LEU B 247 22.81 -33.68 11.01
CA LEU B 247 23.52 -33.18 12.18
C LEU B 247 22.92 -31.88 12.69
N ASP B 248 22.62 -30.93 11.78
CA ASP B 248 21.94 -29.70 12.17
C ASP B 248 20.63 -30.01 12.89
N ILE B 249 19.81 -30.87 12.29
CA ILE B 249 18.49 -31.16 12.85
C ILE B 249 18.61 -31.77 14.25
N LEU B 250 19.53 -32.73 14.41
CA LEU B 250 19.76 -33.30 15.74
C LEU B 250 20.21 -32.22 16.71
N SER B 251 21.15 -31.37 16.29
CA SER B 251 21.67 -30.32 17.15
C SER B 251 20.55 -29.41 17.65
N ALA B 252 19.60 -29.06 16.77
CA ALA B 252 18.46 -28.21 17.13
C ALA B 252 17.51 -28.88 18.10
N VAL B 253 17.56 -30.21 18.20
CA VAL B 253 16.67 -30.90 19.11
C VAL B 253 17.32 -31.07 20.47
N THR B 254 18.59 -31.44 20.48
CA THR B 254 19.27 -31.77 21.73
C THR B 254 19.94 -30.57 22.37
N GLY B 255 20.41 -29.63 21.58
CA GLY B 255 21.24 -28.55 22.08
C GLY B 255 22.71 -28.86 22.13
N GLN B 256 23.13 -30.03 21.66
CA GLN B 256 24.55 -30.32 21.53
C GLN B 256 25.12 -29.63 20.30
N SER B 257 26.39 -29.25 20.40
CA SER B 257 27.10 -28.64 19.28
C SER B 257 27.37 -29.68 18.20
N ILE B 258 27.68 -29.18 17.00
CA ILE B 258 28.12 -30.07 15.93
C ILE B 258 29.37 -30.87 16.35
N PRO B 259 30.43 -30.26 16.89
CA PRO B 259 31.63 -31.05 17.23
C PRO B 259 31.41 -32.07 18.34
N GLU B 260 30.56 -31.78 19.32
CA GLU B 260 30.19 -32.82 20.28
C GLU B 260 29.46 -33.97 19.59
N LEU B 261 28.62 -33.64 18.59
CA LEU B 261 27.89 -34.69 17.88
C LEU B 261 28.82 -35.52 16.99
N GLU B 262 29.78 -34.87 16.33
CA GLU B 262 30.77 -35.58 15.54
C GLU B 262 31.58 -36.55 16.39
N LYS B 263 31.95 -36.13 17.61
CA LYS B 263 32.66 -37.04 18.51
C LYS B 263 31.79 -38.22 18.89
N GLN B 264 30.54 -37.95 19.23
CA GLN B 264 29.62 -39.00 19.68
C GLN B 264 29.30 -40.00 18.57
N PHE B 265 29.46 -39.62 17.30
CA PHE B 265 29.16 -40.52 16.20
C PHE B 265 30.42 -41.11 15.57
N GLU B 266 31.57 -40.91 16.20
CA GLU B 266 32.78 -41.53 15.70
C GLU B 266 32.64 -43.03 15.69
N GLY B 267 33.09 -43.65 14.60
CA GLY B 267 32.94 -45.08 14.45
C GLY B 267 31.51 -45.53 14.23
N LYS B 268 30.66 -44.65 13.69
CA LYS B 268 29.26 -44.93 13.52
C LYS B 268 28.84 -44.62 12.09
N MET B 269 27.86 -45.37 11.61
CA MET B 269 27.45 -45.30 10.22
C MET B 269 26.11 -44.57 10.13
N TYR B 270 25.64 -44.38 8.90
CA TYR B 270 24.51 -43.47 8.68
C TYR B 270 23.20 -44.04 9.21
N GLY B 271 23.02 -45.35 9.16
CA GLY B 271 21.79 -45.94 9.68
C GLY B 271 21.61 -45.64 11.17
N HIS B 272 22.70 -45.68 11.92
CA HIS B 272 22.62 -45.27 13.31
C HIS B 272 22.35 -43.78 13.44
N LEU B 273 22.88 -42.98 12.51
CA LEU B 273 22.68 -41.54 12.56
C LEU B 273 21.20 -41.18 12.35
N LYS B 274 20.62 -41.67 11.26
CA LYS B 274 19.22 -41.37 10.97
C LYS B 274 18.31 -41.86 12.09
N GLY B 275 18.62 -43.00 12.69
CA GLY B 275 17.80 -43.48 13.79
C GLY B 275 17.87 -42.57 15.00
N GLU B 276 19.05 -42.06 15.31
CA GLU B 276 19.18 -41.10 16.44
C GLU B 276 18.42 -39.82 16.14
N VAL B 277 18.52 -39.34 14.89
CA VAL B 277 17.78 -38.14 14.53
C VAL B 277 16.29 -38.38 14.64
N ALA B 278 15.81 -39.50 14.09
CA ALA B 278 14.39 -39.81 14.15
C ALA B 278 13.89 -39.93 15.59
N ASP B 279 14.68 -40.55 16.47
CA ASP B 279 14.23 -40.63 17.86
C ASP B 279 14.20 -39.26 18.53
N ALA B 280 15.23 -38.43 18.29
CA ALA B 280 15.26 -37.10 18.89
C ALA B 280 14.12 -36.23 18.36
N VAL B 281 13.92 -36.21 17.04
CA VAL B 281 12.88 -35.39 16.45
C VAL B 281 11.50 -35.89 16.86
N SER B 282 11.31 -37.22 16.88
CA SER B 282 10.02 -37.76 17.26
C SER B 282 9.67 -37.36 18.68
N GLY B 283 10.66 -37.33 19.56
CA GLY B 283 10.41 -36.93 20.93
C GLY B 283 10.00 -35.48 21.07
N MET B 284 10.68 -34.59 20.36
CA MET B 284 10.34 -33.17 20.49
C MET B 284 8.98 -32.86 19.86
N LEU B 285 8.68 -33.46 18.71
CA LEU B 285 7.36 -33.23 18.11
C LEU B 285 6.26 -33.76 19.01
N THR B 286 6.51 -34.89 19.68
CA THR B 286 5.50 -35.47 20.58
C THR B 286 5.19 -34.52 21.73
N GLU B 287 6.21 -33.91 22.34
CA GLU B 287 5.94 -32.94 23.40
C GLU B 287 5.36 -31.66 22.84
N LEU B 288 5.85 -31.25 21.66
CA LEU B 288 5.38 -30.00 21.09
C LEU B 288 3.90 -30.07 20.78
N GLN B 289 3.46 -31.17 20.18
CA GLN B 289 2.06 -31.29 19.79
C GLN B 289 1.14 -31.43 21.01
N GLU B 290 1.69 -31.92 22.12
CA GLU B 290 0.91 -31.98 23.39
C GLU B 290 0.62 -30.56 23.89
N ARG B 291 1.61 -29.68 23.84
CA ARG B 291 1.37 -28.31 24.27
C ARG B 291 0.51 -27.59 23.26
N TYR B 292 0.74 -27.87 21.97
CA TYR B 292 -0.03 -27.26 20.90
C TYR B 292 -1.52 -27.42 21.14
N HIS B 293 -1.93 -28.64 21.48
CA HIS B 293 -3.36 -28.88 21.59
C HIS B 293 -3.95 -28.22 22.84
N ARG B 294 -3.21 -28.13 23.94
CA ARG B 294 -3.77 -27.42 25.08
C ARG B 294 -4.03 -25.95 24.73
N PHE B 295 -3.12 -25.31 23.99
CA PHE B 295 -3.33 -23.92 23.59
C PHE B 295 -4.40 -23.81 22.49
N ARG B 296 -4.37 -24.71 21.51
CA ARG B 296 -5.22 -24.56 20.33
C ARG B 296 -6.69 -24.75 20.68
N ASN B 297 -6.98 -25.58 21.67
CA ASN B 297 -8.39 -25.91 22.01
C ASN B 297 -9.01 -24.86 22.93
N ASP B 298 -8.22 -23.89 23.38
CA ASP B 298 -8.73 -22.80 24.20
C ASP B 298 -8.80 -21.54 23.35
N GLU B 299 -9.81 -21.42 22.51
CA GLU B 299 -9.87 -20.27 21.58
C GLU B 299 -10.07 -18.97 22.36
N ALA B 300 -10.73 -19.01 23.52
CA ALA B 300 -10.90 -17.75 24.22
C ALA B 300 -9.56 -17.26 24.77
N PHE B 301 -8.63 -18.18 25.03
CA PHE B 301 -7.28 -17.75 25.39
C PHE B 301 -6.55 -17.20 24.17
N LEU B 302 -6.73 -17.85 23.01
CA LEU B 302 -6.14 -17.32 21.78
C LEU B 302 -6.65 -15.93 21.50
N GLN B 303 -7.96 -15.69 21.67
CA GLN B 303 -8.49 -14.36 21.42
C GLN B 303 -7.90 -13.32 22.38
N GLN B 304 -7.74 -13.69 23.65
CA GLN B 304 -7.15 -12.77 24.63
C GLN B 304 -5.70 -12.41 24.27
N VAL B 305 -4.89 -13.37 23.84
CA VAL B 305 -3.51 -13.07 23.45
C VAL B 305 -3.51 -12.09 22.28
N MET B 306 -4.39 -12.34 21.30
CA MET B 306 -4.47 -11.50 20.12
C MET B 306 -4.81 -10.05 20.48
N LYS B 307 -5.84 -9.86 21.32
CA LYS B 307 -6.24 -8.52 21.74
C LYS B 307 -5.13 -7.78 22.48
N ASP B 308 -4.57 -8.40 23.52
CA ASP B 308 -3.49 -7.78 24.29
C ASP B 308 -2.30 -7.46 23.39
N GLY B 309 -1.92 -8.40 22.51
CA GLY B 309 -0.80 -8.15 21.61
C GLY B 309 -1.04 -6.98 20.67
N ALA B 310 -2.21 -6.93 20.02
CA ALA B 310 -2.45 -5.84 19.07
C ALA B 310 -2.41 -4.50 19.78
N GLU B 311 -2.93 -4.45 21.00
CA GLU B 311 -2.94 -3.20 21.74
C GLU B 311 -1.52 -2.76 22.08
N LYS B 312 -0.68 -3.71 22.52
CA LYS B 312 0.74 -3.44 22.77
C LYS B 312 1.47 -3.02 21.51
N ALA B 313 1.17 -3.67 20.38
CA ALA B 313 1.84 -3.35 19.13
C ALA B 313 1.42 -1.97 18.61
N SER B 314 0.11 -1.66 18.67
CA SER B 314 -0.38 -0.39 18.14
C SER B 314 0.24 0.80 18.87
N ALA B 315 0.40 0.70 20.19
CA ALA B 315 1.10 1.75 20.93
C ALA B 315 2.44 2.10 20.28
N HIS B 316 3.26 1.09 19.96
CA HIS B 316 4.56 1.37 19.37
C HIS B 316 4.42 1.80 17.91
N ALA B 317 3.61 1.09 17.13
CA ALA B 317 3.55 1.40 15.72
C ALA B 317 3.03 2.80 15.50
N SER B 318 2.05 3.24 16.31
CA SER B 318 1.43 4.53 16.07
C SER B 318 2.38 5.67 16.40
N ARG B 319 3.31 5.45 17.35
CA ARG B 319 4.35 6.45 17.57
C ARG B 319 5.22 6.63 16.32
N THR B 320 5.74 5.53 15.78
CA THR B 320 6.53 5.65 14.55
C THR B 320 5.72 6.26 13.41
N LEU B 321 4.51 5.75 13.16
CA LEU B 321 3.78 6.20 11.97
C LEU B 321 3.51 7.69 12.05
N LYS B 322 3.19 8.19 13.26
CA LYS B 322 3.00 9.62 13.47
C LYS B 322 4.25 10.41 13.11
N ALA B 323 5.44 9.87 13.43
CA ALA B 323 6.69 10.54 13.12
C ALA B 323 6.98 10.48 11.63
N VAL B 324 6.71 9.35 10.99
CA VAL B 324 6.80 9.29 9.53
C VAL B 324 5.89 10.33 8.89
N TYR B 325 4.66 10.45 9.37
CA TYR B 325 3.68 11.35 8.70
C TYR B 325 4.08 12.81 8.82
N GLU B 326 4.70 13.19 9.93
CA GLU B 326 5.22 14.59 10.00
C GLU B 326 6.42 14.72 9.06
N ALA B 327 7.32 13.73 9.03
CA ALA B 327 8.56 13.76 8.20
C ALA B 327 8.22 14.06 6.77
N ILE B 328 7.15 13.45 6.40
CA ILE B 328 6.96 13.47 4.95
C ILE B 328 6.06 14.62 4.50
N GLY B 329 5.29 15.23 5.39
CA GLY B 329 4.50 16.39 5.00
C GLY B 329 2.99 16.27 5.17
N PHE B 330 2.42 15.17 5.63
CA PHE B 330 0.98 15.10 5.84
C PHE B 330 0.53 16.03 6.96
N VAL B 331 -0.71 16.49 6.76
CA VAL B 331 -1.40 17.24 7.83
C VAL B 331 -1.79 16.15 8.85
N ALA B 332 -1.62 16.43 10.13
CA ALA B 332 -1.95 15.45 11.16
C ALA B 332 -3.46 15.40 11.36
N LYS B 333 -3.98 14.21 11.64
CA LYS B 333 -5.41 14.07 11.91
C LYS B 333 -5.72 14.69 13.28
N PRO B 334 -6.74 15.55 13.38
CA PRO B 334 -7.16 16.13 14.69
C PRO B 334 -7.66 14.99 15.56
N HIS B 335 -7.56 15.12 16.87
CA HIS B 335 -8.15 14.04 17.72
C HIS B 335 -9.33 14.61 18.51
C01 9E0 C . -11.21 8.73 -7.98
C02 9E0 C . -10.77 9.64 -8.93
C03 9E0 C . -10.38 8.30 -6.94
C04 9E0 C . -9.09 8.83 -6.88
C05 9E0 C . -9.49 10.16 -8.86
C06 9E0 C . -8.65 9.75 -7.83
C07 9E0 C . -7.32 10.11 -7.51
C08 9E0 C . -7.00 9.40 -6.38
C09 9E0 C . -7.09 10.86 -9.86
C10 9E0 C . -6.58 11.06 -8.41
C11 9E0 C . -6.29 11.70 -10.84
C12 9E0 C . -6.73 12.49 -7.92
N01 9E0 C . -8.06 8.64 -6.00
O01 9E0 C . -6.87 12.64 -11.42
O02 9E0 C . -5.09 11.37 -11.01
S01 9E0 C . -8.87 11.27 -10.08
S SO4 D . -7.85 19.38 -16.32
O1 SO4 D . -6.82 18.85 -17.16
O2 SO4 D . -7.57 20.75 -16.02
O3 SO4 D . -9.12 19.29 -17.00
O4 SO4 D . -7.91 18.62 -15.11
P TYM E . 7.55 -17.58 6.34
O1P TYM E . 6.46 -17.99 7.28
O2P TYM E . 7.51 -18.12 4.95
O5' TYM E . 8.92 -18.13 6.95
C5' TYM E . 9.05 -18.27 8.38
C4' TYM E . 10.51 -18.20 8.76
O4' TYM E . 11.11 -19.51 8.56
C1' TYM E . 12.32 -19.37 7.84
N9 TYM E . 12.51 -20.58 7.05
C4 TYM E . 13.56 -21.46 7.12
N3 TYM E . 14.65 -21.39 7.91
C2 TYM E . 15.45 -22.43 7.69
N1 TYM E . 15.32 -23.45 6.84
C6 TYM E . 14.21 -23.49 6.04
N6 TYM E . 14.07 -24.49 5.20
C5 TYM E . 13.28 -22.44 6.18
N7 TYM E . 12.08 -22.18 5.56
C8 TYM E . 11.66 -21.06 6.09
C2' TYM E . 12.16 -18.10 7.02
O2' TYM E . 13.41 -17.55 6.67
C3' TYM E . 11.38 -17.21 7.97
O3' TYM E . 12.25 -16.51 8.84
NH3 TYM E . 8.55 -13.11 4.55
CA TYM E . 8.62 -13.82 5.85
CB TYM E . 7.52 -13.33 6.80
CG TYM E . 7.65 -11.90 7.23
CD2 TYM E . 8.66 -11.34 8.10
CE2 TYM E . 8.37 -9.97 8.22
CE3 TYM E . 9.77 -11.87 8.77
CD1 TYM E . 6.83 -10.87 6.89
NE1 TYM E . 7.26 -9.70 7.47
CZ2 TYM E . 9.16 -9.11 8.98
CZ3 TYM E . 10.54 -11.03 9.54
CH2 TYM E . 10.25 -9.67 9.64
C TYM E . 8.56 -15.31 5.60
O TYM E . 9.20 -15.84 4.75
OPP TYM E . 7.73 -15.98 6.41
S SO4 F . 8.27 -21.93 1.10
O1 SO4 F . 8.81 -22.27 2.39
O2 SO4 F . 9.33 -21.88 0.15
O3 SO4 F . 7.31 -22.93 0.71
O4 SO4 F . 7.63 -20.65 1.18
#